data_3I6D
#
_entry.id   3I6D
#
_cell.length_a   96.175
_cell.length_b   96.175
_cell.length_c   299.823
_cell.angle_alpha   90.00
_cell.angle_beta   90.00
_cell.angle_gamma   90.00
#
_symmetry.space_group_name_H-M   'P 41 21 2'
#
loop_
_entity.id
_entity.type
_entity.pdbx_description
1 polymer 'Protoporphyrinogen oxidase'
2 non-polymer 'FLAVIN-ADENINE DINUCLEOTIDE'
3 non-polymer '5-[2-CHLORO-4-(TRIFLUOROMETHYL)PHENOXY]-2-NITROBENZOIC ACID'
4 non-polymer 'PHOSPHATE ION'
5 water water
#
_entity_poly.entity_id   1
_entity_poly.type   'polypeptide(L)'
_entity_poly.pdbx_seq_one_letter_code
;MSDGKKHVVIIGGGITGLAAAFYMEKEIKEKNLPLELTLVEASPRVGGKIQTVKKDGYIIERGPDSFLERKKSAPQLVKD
LGLEHLLVNNATGQSYVLVNRTLHPMPKGAVMGIPTKIAPFVSTGLFSLSGKARAAMDFILPASKTKDDQSLGEFFRRRV
GDEVVENLIEPLLSGIYAGDIDKLSLMSTFPQFYQTEQKHRSLILGMKKTRPQGSGQQLTAKKQGQFQTLSTGLQTLVEE
IEKQLKLTKVYKGTKVTKLSHSGSCYSLELDNGVTLDADSVIVTAPHKAAAGMLSELPAISHLKNMHSTSVANVALGFPE
GSVQMEHEGTGFVISRNSDFAITACTWTNKKWPHAAPEGKTLLRAYVGKAGDESIVDLSDNDIINIVLEDLKKVMNINGE
PEMTCVTRWHESMPQYHVGHKQRIKELREALASAYPGVYMTGASFEGVGIPDCIDQGKAAVSDALTYLFS
;
_entity_poly.pdbx_strand_id   A,B
#
loop_
_chem_comp.id
_chem_comp.type
_chem_comp.name
_chem_comp.formula
ACJ non-polymer '5-[2-CHLORO-4-(TRIFLUOROMETHYL)PHENOXY]-2-NITROBENZOIC ACID' 'C14 H7 Cl F3 N O5'
FAD non-polymer 'FLAVIN-ADENINE DINUCLEOTIDE' 'C27 H33 N9 O15 P2'
PO4 non-polymer 'PHOSPHATE ION' 'O4 P -3'
#
# COMPACT_ATOMS: atom_id res chain seq x y z
N LYS A 5 -26.53 17.71 -7.12
CA LYS A 5 -25.08 17.53 -7.43
C LYS A 5 -24.70 16.04 -7.51
N LYS A 6 -24.60 15.52 -8.74
CA LYS A 6 -24.29 14.11 -8.98
C LYS A 6 -22.86 13.69 -8.55
N HIS A 7 -22.71 12.43 -8.15
CA HIS A 7 -21.43 11.89 -7.68
C HIS A 7 -20.88 10.75 -8.56
N VAL A 8 -19.58 10.79 -8.82
CA VAL A 8 -18.91 9.76 -9.63
C VAL A 8 -17.64 9.25 -8.94
N VAL A 9 -17.58 7.95 -8.69
CA VAL A 9 -16.39 7.38 -8.06
C VAL A 9 -15.51 6.60 -9.04
N ILE A 10 -14.22 6.94 -9.02
CA ILE A 10 -13.23 6.28 -9.85
C ILE A 10 -12.51 5.27 -8.97
N ILE A 11 -12.53 4.00 -9.37
CA ILE A 11 -11.86 2.93 -8.61
C ILE A 11 -10.56 2.59 -9.30
N GLY A 12 -9.46 2.76 -8.56
CA GLY A 12 -8.15 2.48 -9.10
C GLY A 12 -7.39 3.77 -9.23
N GLY A 13 -6.16 3.79 -8.74
CA GLY A 13 -5.37 5.01 -8.81
C GLY A 13 -4.19 4.94 -9.77
N GLY A 14 -4.19 3.97 -10.69
CA GLY A 14 -3.10 3.90 -11.63
C GLY A 14 -3.22 5.06 -12.63
N ILE A 15 -2.56 4.93 -13.78
CA ILE A 15 -2.62 5.97 -14.81
C ILE A 15 -4.03 6.12 -15.40
N THR A 16 -4.74 5.01 -15.56
CA THR A 16 -6.10 5.06 -16.11
C THR A 16 -7.06 5.84 -15.21
N GLY A 17 -7.03 5.55 -13.91
CA GLY A 17 -7.91 6.26 -13.00
C GLY A 17 -7.48 7.70 -12.85
N LEU A 18 -6.17 7.93 -12.81
CA LEU A 18 -5.63 9.27 -12.67
C LEU A 18 -5.99 10.05 -13.91
N ALA A 19 -5.77 9.45 -15.08
CA ALA A 19 -6.11 10.09 -16.34
C ALA A 19 -7.59 10.46 -16.31
N ALA A 20 -8.42 9.52 -15.90
CA ALA A 20 -9.85 9.77 -15.84
C ALA A 20 -10.13 10.89 -14.87
N ALA A 21 -9.49 10.85 -13.71
CA ALA A 21 -9.68 11.87 -12.67
C ALA A 21 -9.25 13.26 -13.15
N PHE A 22 -8.12 13.33 -13.83
CA PHE A 22 -7.61 14.59 -14.32
C PHE A 22 -8.49 15.26 -15.37
N TYR A 23 -8.94 14.49 -16.36
CA TYR A 23 -9.78 15.06 -17.40
C TYR A 23 -11.23 15.18 -16.99
N MET A 24 -11.57 14.62 -15.84
CA MET A 24 -12.92 14.71 -15.31
C MET A 24 -13.04 16.09 -14.69
N GLU A 25 -12.02 16.47 -13.91
CA GLU A 25 -12.00 17.78 -13.26
C GLU A 25 -11.95 18.86 -14.32
N LYS A 26 -11.10 18.65 -15.32
CA LYS A 26 -10.96 19.61 -16.40
C LYS A 26 -12.32 19.85 -17.05
N GLU A 27 -13.21 18.87 -16.98
CA GLU A 27 -14.52 19.01 -17.57
C GLU A 27 -15.51 19.67 -16.62
N ILE A 28 -15.40 19.34 -15.33
CA ILE A 28 -16.29 19.89 -14.32
C ILE A 28 -16.10 21.40 -14.21
N LYS A 29 -14.92 21.87 -14.61
CA LYS A 29 -14.60 23.30 -14.54
C LYS A 29 -14.41 23.88 -15.93
N GLU A 30 -15.44 23.76 -16.76
CA GLU A 30 -15.41 24.27 -18.13
C GLU A 30 -16.82 24.19 -18.68
N LYS A 31 -17.71 23.66 -17.86
CA LYS A 31 -19.12 23.51 -18.18
C LYS A 31 -19.82 23.70 -16.86
N ASN A 32 -19.01 23.82 -15.81
CA ASN A 32 -19.49 24.00 -14.45
C ASN A 32 -20.65 23.05 -14.17
N LEU A 33 -20.34 21.76 -14.25
CA LEU A 33 -21.32 20.70 -14.03
C LEU A 33 -21.47 20.40 -12.55
N PRO A 34 -22.73 20.15 -12.09
CA PRO A 34 -22.99 19.85 -10.68
C PRO A 34 -22.54 18.41 -10.39
N LEU A 35 -21.24 18.19 -10.53
CA LEU A 35 -20.63 16.88 -10.33
C LEU A 35 -19.59 16.95 -9.23
N GLU A 36 -19.52 15.87 -8.45
CA GLU A 36 -18.59 15.75 -7.35
C GLU A 36 -17.97 14.38 -7.54
N LEU A 37 -16.65 14.32 -7.75
CA LEU A 37 -16.01 13.03 -7.99
C LEU A 37 -14.97 12.59 -6.95
N THR A 38 -14.89 11.30 -6.71
CA THR A 38 -13.90 10.78 -5.77
C THR A 38 -13.23 9.53 -6.35
N LEU A 39 -11.97 9.31 -5.95
CA LEU A 39 -11.17 8.19 -6.43
C LEU A 39 -10.67 7.31 -5.28
N VAL A 40 -10.93 6.01 -5.34
CA VAL A 40 -10.50 5.08 -4.31
C VAL A 40 -9.28 4.26 -4.79
N GLU A 41 -8.24 4.20 -3.96
CA GLU A 41 -7.03 3.47 -4.28
C GLU A 41 -6.66 2.51 -3.14
N ALA A 42 -6.47 1.24 -3.46
CA ALA A 42 -6.14 0.21 -2.46
C ALA A 42 -4.79 0.36 -1.80
N SER A 43 -3.72 0.49 -2.59
CA SER A 43 -2.38 0.63 -2.05
C SER A 43 -2.27 2.05 -1.48
N PRO A 44 -1.24 2.32 -0.65
CA PRO A 44 -0.99 3.61 -0.03
C PRO A 44 -0.51 4.71 -0.99
N ARG A 45 -0.16 4.33 -2.23
CA ARG A 45 0.29 5.30 -3.24
C ARG A 45 -0.58 5.27 -4.49
N VAL A 46 -0.38 6.21 -5.39
CA VAL A 46 -1.13 6.26 -6.63
C VAL A 46 -0.10 6.02 -7.73
N GLY A 47 -0.54 5.59 -8.91
CA GLY A 47 0.40 5.36 -9.99
C GLY A 47 0.46 3.91 -10.42
N GLY A 48 0.08 3.00 -9.53
CA GLY A 48 0.06 1.59 -9.85
C GLY A 48 1.33 1.03 -10.49
N LYS A 49 1.20 0.48 -11.70
CA LYS A 49 2.33 -0.11 -12.41
C LYS A 49 3.48 0.88 -12.59
N ILE A 50 3.18 2.18 -12.65
CA ILE A 50 4.22 3.18 -12.84
C ILE A 50 4.96 3.50 -11.53
N GLN A 51 6.18 2.99 -11.40
CA GLN A 51 6.99 3.20 -10.20
C GLN A 51 8.45 3.52 -10.53
N THR A 52 8.92 4.69 -10.08
CA THR A 52 10.28 5.14 -10.30
C THR A 52 11.04 5.32 -9.00
N VAL A 53 12.12 4.55 -8.80
CA VAL A 53 12.92 4.72 -7.58
C VAL A 53 14.33 5.21 -7.92
N LYS A 54 14.89 5.98 -6.99
CA LYS A 54 16.21 6.56 -7.16
C LYS A 54 17.18 6.07 -6.07
N LYS A 55 18.38 5.68 -6.49
CA LYS A 55 19.40 5.18 -5.57
C LYS A 55 20.77 5.51 -6.14
N ASP A 56 21.60 6.21 -5.35
CA ASP A 56 22.96 6.57 -5.75
C ASP A 56 23.00 7.31 -7.08
N GLY A 57 22.23 8.39 -7.20
CA GLY A 57 22.22 9.17 -8.43
C GLY A 57 21.64 8.40 -9.61
N TYR A 58 21.05 7.24 -9.34
CA TYR A 58 20.43 6.44 -10.40
C TYR A 58 18.94 6.77 -10.50
N ILE A 59 18.35 6.35 -11.61
CA ILE A 59 16.92 6.53 -11.87
C ILE A 59 16.50 5.23 -12.52
N ILE A 60 16.00 4.30 -11.72
CA ILE A 60 15.56 3.03 -12.27
C ILE A 60 14.04 2.89 -12.32
N GLU A 61 13.52 2.58 -13.50
CA GLU A 61 12.10 2.37 -13.70
C GLU A 61 11.84 0.89 -13.42
N ARG A 62 11.23 0.59 -12.28
CA ARG A 62 10.97 -0.80 -11.92
C ARG A 62 10.09 -1.45 -12.96
N GLY A 63 9.21 -0.66 -13.54
CA GLY A 63 8.30 -1.17 -14.54
C GLY A 63 8.28 -0.37 -15.81
N PRO A 64 7.23 0.44 -16.02
CA PRO A 64 7.13 1.26 -17.22
C PRO A 64 8.37 2.08 -17.40
N ASP A 65 9.01 1.85 -18.53
CA ASP A 65 10.24 2.50 -18.91
C ASP A 65 9.92 3.86 -19.54
N SER A 66 9.26 3.84 -20.68
CA SER A 66 8.88 5.06 -21.39
C SER A 66 7.55 4.85 -22.12
N PHE A 67 7.26 5.67 -23.11
CA PHE A 67 6.02 5.52 -23.87
C PHE A 67 6.17 5.96 -25.32
N LEU A 68 5.43 5.31 -26.21
CA LEU A 68 5.47 5.62 -27.64
C LEU A 68 5.02 7.06 -27.86
N GLU A 69 5.86 7.84 -28.53
CA GLU A 69 5.57 9.25 -28.77
C GLU A 69 4.45 9.52 -29.78
N ARG A 70 4.34 8.66 -30.80
CA ARG A 70 3.31 8.86 -31.82
C ARG A 70 1.88 8.78 -31.27
N LYS A 71 1.74 8.28 -30.06
CA LYS A 71 0.42 8.19 -29.44
C LYS A 71 0.12 9.46 -28.64
N LYS A 72 -0.50 10.42 -29.33
CA LYS A 72 -0.85 11.73 -28.78
C LYS A 72 -1.25 11.77 -27.31
N SER A 73 -2.26 10.99 -26.95
CA SER A 73 -2.78 10.96 -25.57
C SER A 73 -1.69 11.03 -24.49
N ALA A 74 -0.54 10.42 -24.75
CA ALA A 74 0.53 10.42 -23.77
C ALA A 74 1.23 11.77 -23.67
N PRO A 75 2.01 12.17 -24.69
CA PRO A 75 2.68 13.48 -24.57
C PRO A 75 1.68 14.63 -24.34
N GLN A 76 0.49 14.50 -24.91
CA GLN A 76 -0.54 15.51 -24.74
C GLN A 76 -0.80 15.77 -23.26
N LEU A 77 -1.01 14.69 -22.50
CA LEU A 77 -1.26 14.80 -21.07
C LEU A 77 -0.12 15.57 -20.41
N VAL A 78 1.10 15.23 -20.80
CA VAL A 78 2.31 15.88 -20.29
C VAL A 78 2.19 17.39 -20.40
N LYS A 79 1.70 17.87 -21.55
CA LYS A 79 1.54 19.30 -21.75
C LYS A 79 0.50 19.85 -20.78
N ASP A 80 -0.71 19.33 -20.87
CA ASP A 80 -1.79 19.79 -19.98
C ASP A 80 -1.30 19.83 -18.54
N LEU A 81 -0.47 18.85 -18.18
CA LEU A 81 0.05 18.76 -16.82
C LEU A 81 1.27 19.67 -16.67
N GLY A 82 1.59 20.39 -17.74
CA GLY A 82 2.71 21.31 -17.73
C GLY A 82 4.02 20.66 -17.33
N LEU A 83 4.61 19.88 -18.23
CA LEU A 83 5.86 19.19 -17.92
C LEU A 83 6.72 18.91 -19.16
N GLU A 84 6.39 19.52 -20.28
CA GLU A 84 7.18 19.32 -21.50
C GLU A 84 8.66 19.56 -21.24
N HIS A 85 8.95 20.42 -20.27
CA HIS A 85 10.32 20.75 -19.91
C HIS A 85 11.02 19.59 -19.19
N LEU A 86 10.77 18.37 -19.64
CA LEU A 86 11.38 17.19 -19.04
C LEU A 86 11.42 16.04 -20.04
N LEU A 87 10.66 16.20 -21.12
CA LEU A 87 10.59 15.20 -22.17
C LEU A 87 11.94 14.93 -22.80
N VAL A 88 12.33 13.65 -22.82
CA VAL A 88 13.61 13.25 -23.40
C VAL A 88 13.38 11.97 -24.20
N ASN A 89 13.69 12.00 -25.49
CA ASN A 89 13.51 10.80 -26.30
C ASN A 89 14.63 9.81 -26.07
N ASN A 90 14.45 8.59 -26.58
CA ASN A 90 15.45 7.56 -26.42
C ASN A 90 16.58 7.79 -27.41
N ALA A 91 17.80 7.46 -26.97
CA ALA A 91 18.97 7.60 -27.80
C ALA A 91 19.08 6.32 -28.62
N THR A 92 18.67 6.38 -29.87
CA THR A 92 18.70 5.21 -30.75
C THR A 92 20.03 4.47 -30.75
N GLY A 93 19.98 3.24 -31.23
CA GLY A 93 21.17 2.41 -31.29
C GLY A 93 20.79 1.12 -31.97
N GLN A 94 21.78 0.26 -32.22
CA GLN A 94 21.51 -1.02 -32.87
C GLN A 94 21.09 -2.06 -31.83
N SER A 95 20.26 -3.01 -32.26
CA SER A 95 19.80 -4.05 -31.36
C SER A 95 20.16 -5.41 -31.94
N TYR A 96 20.12 -6.45 -31.10
CA TYR A 96 20.47 -7.78 -31.55
C TYR A 96 19.53 -8.86 -31.02
N VAL A 97 19.63 -10.04 -31.60
CA VAL A 97 18.83 -11.18 -31.18
C VAL A 97 19.78 -12.36 -30.97
N LEU A 98 19.93 -12.77 -29.72
CA LEU A 98 20.78 -13.89 -29.39
C LEU A 98 20.07 -15.16 -29.78
N VAL A 99 20.52 -15.83 -30.84
CA VAL A 99 19.87 -17.07 -31.22
C VAL A 99 20.39 -18.18 -30.33
N ASN A 100 21.49 -18.83 -30.72
CA ASN A 100 22.04 -19.89 -29.89
C ASN A 100 23.24 -19.30 -29.18
N ARG A 101 24.38 -19.34 -29.86
CA ARG A 101 25.61 -18.78 -29.34
C ARG A 101 26.10 -17.78 -30.38
N THR A 102 25.33 -16.71 -30.58
CA THR A 102 25.68 -15.69 -31.58
C THR A 102 24.75 -14.49 -31.51
N LEU A 103 25.34 -13.29 -31.47
CA LEU A 103 24.55 -12.06 -31.44
C LEU A 103 24.36 -11.52 -32.85
N HIS A 104 23.24 -11.90 -33.48
CA HIS A 104 22.92 -11.44 -34.83
C HIS A 104 22.25 -10.05 -34.72
N PRO A 105 22.28 -9.22 -35.77
CA PRO A 105 21.60 -7.93 -35.56
C PRO A 105 20.31 -7.94 -36.41
N MET A 106 19.43 -6.96 -36.23
CA MET A 106 18.23 -6.91 -37.06
C MET A 106 18.71 -6.68 -38.50
N PRO A 107 17.88 -7.01 -39.51
CA PRO A 107 18.32 -6.77 -40.90
C PRO A 107 18.54 -5.30 -41.27
N LYS A 108 19.12 -5.08 -42.44
CA LYS A 108 19.40 -3.73 -42.93
C LYS A 108 18.42 -3.38 -44.05
N SER A 130 12.71 3.45 -45.45
CA SER A 130 11.30 3.76 -45.72
C SER A 130 10.83 3.72 -47.18
N GLY A 131 9.66 3.12 -47.40
CA GLY A 131 9.14 3.00 -48.75
C GLY A 131 9.48 1.61 -49.21
N LYS A 132 10.70 1.17 -48.92
CA LYS A 132 11.16 -0.18 -49.26
C LYS A 132 10.74 -1.04 -48.07
N ALA A 133 10.73 -0.41 -46.89
CA ALA A 133 10.35 -1.08 -45.65
C ALA A 133 8.82 -1.15 -45.56
N ARG A 134 8.17 0.01 -45.71
CA ARG A 134 6.71 0.07 -45.64
C ARG A 134 6.08 -0.86 -46.68
N ALA A 135 6.88 -1.23 -47.68
CA ALA A 135 6.43 -2.09 -48.77
C ALA A 135 6.84 -3.55 -48.58
N ALA A 136 7.99 -3.76 -47.95
CA ALA A 136 8.48 -5.12 -47.69
C ALA A 136 7.52 -5.80 -46.72
N MET A 137 6.99 -5.03 -45.78
CA MET A 137 6.06 -5.55 -44.78
C MET A 137 4.71 -5.92 -45.40
N ASP A 138 4.18 -5.07 -46.29
CA ASP A 138 2.89 -5.33 -46.94
C ASP A 138 2.97 -6.56 -47.85
N PHE A 139 4.19 -6.88 -48.27
CA PHE A 139 4.41 -8.05 -49.12
C PHE A 139 4.52 -9.28 -48.22
N ILE A 140 5.43 -9.20 -47.25
CA ILE A 140 5.69 -10.26 -46.30
C ILE A 140 4.51 -10.63 -45.41
N LEU A 141 3.81 -9.62 -44.89
CA LEU A 141 2.67 -9.84 -44.02
C LEU A 141 1.38 -9.27 -44.59
N PRO A 142 0.77 -9.99 -45.55
CA PRO A 142 -0.49 -9.57 -46.17
C PRO A 142 -1.56 -9.35 -45.10
N ALA A 143 -2.66 -8.72 -45.48
CA ALA A 143 -3.74 -8.50 -44.52
C ALA A 143 -4.40 -9.86 -44.28
N SER A 144 -5.13 -9.96 -43.17
CA SER A 144 -5.82 -11.20 -42.80
C SER A 144 -6.91 -11.62 -43.77
N LYS A 145 -6.94 -12.92 -44.10
CA LYS A 145 -7.95 -13.48 -44.99
C LYS A 145 -9.32 -13.48 -44.27
N THR A 146 -9.49 -14.42 -43.33
CA THR A 146 -10.73 -14.53 -42.56
C THR A 146 -10.96 -13.35 -41.63
N LYS A 147 -12.20 -13.16 -41.17
CA LYS A 147 -12.46 -12.07 -40.25
C LYS A 147 -12.63 -12.59 -38.81
N ASP A 148 -12.27 -13.86 -38.61
CA ASP A 148 -12.34 -14.48 -37.30
C ASP A 148 -11.02 -14.22 -36.61
N ASP A 149 -11.06 -14.03 -35.30
CA ASP A 149 -9.82 -13.79 -34.58
C ASP A 149 -8.92 -15.02 -34.69
N GLN A 150 -7.62 -14.82 -34.50
CA GLN A 150 -6.65 -15.90 -34.56
C GLN A 150 -5.43 -15.48 -33.77
N SER A 151 -4.55 -16.43 -33.46
CA SER A 151 -3.35 -16.12 -32.71
C SER A 151 -2.26 -15.52 -33.60
N LEU A 152 -1.44 -14.65 -33.01
CA LEU A 152 -0.32 -14.05 -33.72
C LEU A 152 0.55 -15.17 -34.34
N GLY A 153 0.77 -16.24 -33.58
CA GLY A 153 1.57 -17.34 -34.08
C GLY A 153 0.96 -17.94 -35.34
N GLU A 154 -0.35 -18.17 -35.30
CA GLU A 154 -1.04 -18.73 -36.45
C GLU A 154 -0.91 -17.77 -37.64
N PHE A 155 -1.16 -16.50 -37.40
CA PHE A 155 -1.05 -15.47 -38.44
C PHE A 155 0.31 -15.42 -39.13
N PHE A 156 1.39 -15.36 -38.36
CA PHE A 156 2.73 -15.31 -38.94
C PHE A 156 3.13 -16.61 -39.60
N ARG A 157 3.04 -17.67 -38.84
CA ARG A 157 3.41 -18.99 -39.31
C ARG A 157 2.70 -19.33 -40.63
N ARG A 158 1.59 -18.67 -40.89
CA ARG A 158 0.85 -18.94 -42.09
C ARG A 158 1.46 -18.25 -43.31
N ARG A 159 2.21 -17.17 -43.09
CA ARG A 159 2.78 -16.47 -44.22
C ARG A 159 4.31 -16.29 -44.24
N VAL A 160 4.99 -16.87 -43.26
CA VAL A 160 6.43 -16.78 -43.17
C VAL A 160 6.91 -18.07 -42.52
N GLY A 161 8.18 -18.44 -42.71
CA GLY A 161 8.68 -19.68 -42.14
C GLY A 161 8.78 -19.75 -40.63
N ASP A 162 8.59 -20.95 -40.10
CA ASP A 162 8.64 -21.20 -38.65
C ASP A 162 9.92 -20.67 -38.04
N GLU A 163 11.05 -20.98 -38.67
CA GLU A 163 12.36 -20.55 -38.19
C GLU A 163 12.33 -19.04 -37.90
N VAL A 164 11.80 -18.28 -38.84
CA VAL A 164 11.72 -16.84 -38.69
C VAL A 164 10.91 -16.47 -37.45
N VAL A 165 9.70 -17.00 -37.33
CA VAL A 165 8.86 -16.71 -36.17
C VAL A 165 9.63 -16.98 -34.86
N GLU A 166 10.14 -18.20 -34.72
CA GLU A 166 10.89 -18.61 -33.55
C GLU A 166 12.12 -17.77 -33.18
N ASN A 167 12.97 -17.50 -34.16
CA ASN A 167 14.18 -16.76 -33.87
C ASN A 167 14.08 -15.24 -33.93
N LEU A 168 13.03 -14.69 -34.53
CA LEU A 168 12.94 -13.24 -34.60
C LEU A 168 11.66 -12.61 -34.09
N ILE A 169 10.55 -12.93 -34.73
CA ILE A 169 9.23 -12.38 -34.36
C ILE A 169 8.83 -12.74 -32.92
N GLU A 170 8.84 -14.03 -32.64
CA GLU A 170 8.48 -14.55 -31.34
C GLU A 170 9.25 -13.91 -30.17
N PRO A 171 10.60 -13.73 -30.31
CA PRO A 171 11.40 -13.12 -29.24
C PRO A 171 11.01 -11.68 -29.00
N LEU A 172 10.74 -10.95 -30.07
CA LEU A 172 10.34 -9.56 -29.93
C LEU A 172 8.98 -9.41 -29.26
N LEU A 173 7.96 -10.04 -29.84
CA LEU A 173 6.60 -9.97 -29.29
C LEU A 173 6.53 -10.36 -27.83
N SER A 174 7.15 -11.48 -27.47
CA SER A 174 7.16 -11.93 -26.09
C SER A 174 7.79 -10.85 -25.22
N GLY A 175 8.69 -10.07 -25.82
CA GLY A 175 9.35 -9.01 -25.10
C GLY A 175 8.48 -7.81 -24.74
N ILE A 176 7.37 -7.63 -25.44
CA ILE A 176 6.49 -6.49 -25.15
C ILE A 176 5.03 -6.86 -24.81
N TYR A 177 4.82 -8.09 -24.35
CA TYR A 177 3.49 -8.57 -23.98
C TYR A 177 3.69 -9.68 -22.95
N ALA A 178 4.93 -10.13 -22.84
CA ALA A 178 5.27 -11.18 -21.89
C ALA A 178 4.28 -12.31 -22.05
N GLY A 179 3.93 -12.63 -23.27
CA GLY A 179 2.97 -13.70 -23.45
C GLY A 179 3.38 -14.78 -24.42
N ASP A 180 2.45 -15.70 -24.64
CA ASP A 180 2.61 -16.82 -25.54
C ASP A 180 1.97 -16.43 -26.89
N ILE A 181 2.77 -16.28 -27.94
CA ILE A 181 2.23 -15.87 -29.23
C ILE A 181 1.24 -16.85 -29.83
N ASP A 182 1.22 -18.09 -29.35
CA ASP A 182 0.27 -19.04 -29.88
C ASP A 182 -1.09 -18.83 -29.23
N LYS A 183 -1.12 -17.95 -28.23
CA LYS A 183 -2.34 -17.65 -27.50
C LYS A 183 -2.82 -16.22 -27.73
N LEU A 184 -1.89 -15.27 -27.82
CA LEU A 184 -2.22 -13.86 -28.04
C LEU A 184 -3.08 -13.63 -29.31
N SER A 185 -4.04 -12.71 -29.19
CA SER A 185 -4.94 -12.38 -30.28
C SER A 185 -4.39 -11.41 -31.30
N LEU A 186 -4.58 -11.75 -32.58
CA LEU A 186 -4.12 -10.90 -33.67
C LEU A 186 -4.96 -9.66 -33.65
N MET A 187 -6.27 -9.86 -33.56
CA MET A 187 -7.23 -8.78 -33.57
C MET A 187 -7.02 -7.75 -32.45
N SER A 188 -6.63 -8.20 -31.27
CA SER A 188 -6.47 -7.29 -30.14
C SER A 188 -5.12 -6.62 -30.00
N THR A 189 -4.10 -7.19 -30.64
CA THR A 189 -2.77 -6.62 -30.54
C THR A 189 -2.38 -5.82 -31.77
N PHE A 190 -2.75 -6.32 -32.95
CA PHE A 190 -2.43 -5.63 -34.21
C PHE A 190 -3.66 -5.56 -35.08
N PRO A 191 -4.69 -4.83 -34.62
CA PRO A 191 -5.94 -4.70 -35.39
C PRO A 191 -5.73 -4.23 -36.82
N GLN A 192 -4.58 -3.60 -37.08
CA GLN A 192 -4.28 -3.11 -38.41
C GLN A 192 -4.10 -4.17 -39.51
N PHE A 193 -4.05 -5.45 -39.15
CA PHE A 193 -3.91 -6.50 -40.15
C PHE A 193 -5.30 -7.03 -40.50
N TYR A 194 -6.33 -6.26 -40.16
CA TYR A 194 -7.68 -6.67 -40.46
C TYR A 194 -8.42 -5.72 -41.39
N GLN A 226 12.13 7.34 -30.74
CA GLN A 226 10.71 7.10 -30.99
C GLN A 226 9.91 6.98 -29.69
N PHE A 227 10.61 7.00 -28.56
CA PHE A 227 10.01 6.89 -27.23
C PHE A 227 10.35 8.09 -26.36
N GLN A 228 9.43 8.48 -25.48
CA GLN A 228 9.66 9.61 -24.59
C GLN A 228 9.49 9.21 -23.12
N THR A 229 10.08 10.02 -22.25
CA THR A 229 10.02 9.81 -20.80
C THR A 229 10.21 11.17 -20.16
N LEU A 230 10.27 11.16 -18.83
CA LEU A 230 10.49 12.36 -18.06
C LEU A 230 11.85 12.18 -17.38
N SER A 231 12.79 13.07 -17.71
CA SER A 231 14.13 13.04 -17.15
C SER A 231 14.14 12.83 -15.64
N THR A 232 13.03 13.13 -14.99
CA THR A 232 12.92 12.98 -13.54
C THR A 232 12.47 11.57 -13.15
N GLY A 233 11.90 10.86 -14.11
CA GLY A 233 11.40 9.52 -13.87
C GLY A 233 9.92 9.54 -14.20
N LEU A 234 9.43 8.49 -14.87
CA LEU A 234 8.02 8.44 -15.24
C LEU A 234 7.10 8.68 -14.05
N GLN A 235 7.50 8.20 -12.87
CA GLN A 235 6.67 8.36 -11.68
C GLN A 235 6.29 9.80 -11.37
N THR A 236 7.05 10.76 -11.89
CA THR A 236 6.73 12.15 -11.62
C THR A 236 5.42 12.50 -12.32
N LEU A 237 5.20 11.94 -13.51
CA LEU A 237 3.96 12.18 -14.25
C LEU A 237 2.77 11.83 -13.37
N VAL A 238 2.92 10.80 -12.55
CA VAL A 238 1.87 10.34 -11.66
C VAL A 238 1.67 11.32 -10.51
N GLU A 239 2.76 11.69 -9.85
CA GLU A 239 2.71 12.61 -8.72
C GLU A 239 2.17 13.98 -9.12
N GLU A 240 2.54 14.42 -10.32
CA GLU A 240 2.11 15.71 -10.81
C GLU A 240 0.60 15.79 -10.92
N ILE A 241 -0.01 14.66 -11.26
CA ILE A 241 -1.46 14.61 -11.38
C ILE A 241 -2.10 14.67 -10.00
N GLU A 242 -1.62 13.85 -9.08
CA GLU A 242 -2.17 13.84 -7.72
C GLU A 242 -2.23 15.22 -7.10
N LYS A 243 -1.21 16.02 -7.38
CA LYS A 243 -1.13 17.37 -6.85
C LYS A 243 -2.10 18.34 -7.55
N GLN A 244 -2.29 18.16 -8.86
CA GLN A 244 -3.19 19.03 -9.60
C GLN A 244 -4.67 18.64 -9.52
N LEU A 245 -5.00 17.69 -8.66
CA LEU A 245 -6.40 17.27 -8.49
C LEU A 245 -6.98 18.01 -7.30
N LYS A 246 -7.98 18.84 -7.57
CA LYS A 246 -8.61 19.67 -6.54
C LYS A 246 -9.99 19.20 -6.07
N LEU A 247 -10.90 19.00 -7.01
CA LEU A 247 -12.26 18.58 -6.69
C LEU A 247 -12.40 17.08 -6.43
N THR A 248 -11.31 16.34 -6.52
CA THR A 248 -11.37 14.90 -6.33
C THR A 248 -10.96 14.45 -4.93
N LYS A 249 -11.84 13.75 -4.23
CA LYS A 249 -11.50 13.24 -2.92
C LYS A 249 -10.72 11.95 -3.14
N VAL A 250 -9.40 12.02 -3.06
CA VAL A 250 -8.54 10.86 -3.29
C VAL A 250 -8.30 10.01 -2.05
N TYR A 251 -8.98 8.88 -1.95
CA TYR A 251 -8.80 7.99 -0.80
C TYR A 251 -7.88 6.84 -1.14
N LYS A 252 -6.79 6.73 -0.40
CA LYS A 252 -5.83 5.65 -0.62
C LYS A 252 -6.00 4.58 0.44
N GLY A 253 -5.16 3.56 0.39
CA GLY A 253 -5.20 2.49 1.37
C GLY A 253 -6.56 1.84 1.57
N THR A 254 -7.48 2.10 0.65
CA THR A 254 -8.82 1.53 0.72
C THR A 254 -9.20 0.86 -0.59
N LYS A 255 -9.74 -0.35 -0.48
CA LYS A 255 -10.13 -1.06 -1.68
C LYS A 255 -11.64 -1.32 -1.78
N VAL A 256 -12.21 -1.14 -2.95
CA VAL A 256 -13.62 -1.39 -3.15
C VAL A 256 -13.71 -2.91 -3.23
N THR A 257 -14.66 -3.50 -2.53
CA THR A 257 -14.79 -4.95 -2.57
C THR A 257 -16.08 -5.41 -3.21
N LYS A 258 -17.06 -4.52 -3.30
CA LYS A 258 -18.32 -4.87 -3.94
C LYS A 258 -19.06 -3.71 -4.58
N LEU A 259 -19.59 -3.96 -5.76
CA LEU A 259 -20.34 -2.95 -6.49
C LEU A 259 -21.78 -3.43 -6.51
N SER A 260 -22.70 -2.60 -6.02
CA SER A 260 -24.09 -2.99 -5.97
C SER A 260 -25.05 -1.83 -6.26
N HIS A 261 -26.35 -2.08 -6.14
CA HIS A 261 -27.30 -1.01 -6.38
C HIS A 261 -28.20 -0.78 -5.18
N SER A 262 -28.26 0.48 -4.74
CA SER A 262 -29.09 0.90 -3.60
C SER A 262 -30.53 1.07 -4.04
N GLY A 263 -30.96 2.34 -4.12
CA GLY A 263 -32.31 2.63 -4.54
C GLY A 263 -32.16 3.21 -5.93
N SER A 264 -31.68 4.44 -5.99
CA SER A 264 -31.46 5.12 -7.25
C SER A 264 -29.95 5.33 -7.46
N CYS A 265 -29.17 4.89 -6.48
CA CYS A 265 -27.72 5.02 -6.53
C CYS A 265 -27.03 3.66 -6.52
N TYR A 266 -25.74 3.68 -6.86
CA TYR A 266 -24.93 2.47 -6.83
C TYR A 266 -24.29 2.49 -5.45
N SER A 267 -24.07 1.31 -4.89
CA SER A 267 -23.48 1.20 -3.58
C SER A 267 -22.10 0.53 -3.67
N LEU A 268 -21.07 1.20 -3.15
CA LEU A 268 -19.73 0.63 -3.19
C LEU A 268 -19.24 0.21 -1.81
N GLU A 269 -19.21 -1.09 -1.56
CA GLU A 269 -18.74 -1.60 -0.28
C GLU A 269 -17.22 -1.52 -0.23
N LEU A 270 -16.71 -0.85 0.80
CA LEU A 270 -15.27 -0.72 0.95
C LEU A 270 -14.65 -1.78 1.83
N ASP A 271 -13.33 -1.71 1.91
CA ASP A 271 -12.52 -2.61 2.70
C ASP A 271 -12.95 -2.52 4.15
N ASN A 272 -12.75 -1.32 4.70
CA ASN A 272 -13.07 -1.01 6.09
C ASN A 272 -14.53 -1.17 6.52
N GLY A 273 -15.46 -1.11 5.57
CA GLY A 273 -16.87 -1.25 5.93
C GLY A 273 -17.73 -0.08 5.48
N VAL A 274 -17.09 1.05 5.21
CA VAL A 274 -17.77 2.24 4.75
C VAL A 274 -18.43 1.91 3.41
N THR A 275 -19.54 2.58 3.09
CA THR A 275 -20.21 2.35 1.83
C THR A 275 -20.40 3.68 1.13
N LEU A 276 -19.88 3.82 -0.08
CA LEU A 276 -20.02 5.06 -0.83
C LEU A 276 -21.20 4.96 -1.77
N ASP A 277 -21.72 6.10 -2.19
CA ASP A 277 -22.84 6.13 -3.13
C ASP A 277 -22.39 6.85 -4.40
N ALA A 278 -22.93 6.43 -5.52
CA ALA A 278 -22.54 7.06 -6.76
C ALA A 278 -23.60 6.86 -7.84
N ASP A 279 -23.61 7.77 -8.81
CA ASP A 279 -24.57 7.71 -9.89
C ASP A 279 -23.89 7.06 -11.07
N SER A 280 -22.58 7.22 -11.13
CA SER A 280 -21.76 6.65 -12.21
C SER A 280 -20.44 6.13 -11.65
N VAL A 281 -19.97 4.98 -12.12
CA VAL A 281 -18.72 4.43 -11.63
C VAL A 281 -17.76 4.01 -12.74
N ILE A 282 -16.52 4.48 -12.65
CA ILE A 282 -15.50 4.12 -13.62
C ILE A 282 -14.51 3.18 -12.91
N VAL A 283 -14.55 1.90 -13.28
CA VAL A 283 -13.68 0.91 -12.66
C VAL A 283 -12.42 0.71 -13.49
N THR A 284 -11.26 1.00 -12.91
CA THR A 284 -10.01 0.85 -13.64
C THR A 284 -9.06 -0.18 -13.05
N ALA A 285 -9.50 -0.90 -12.02
CA ALA A 285 -8.66 -1.93 -11.42
C ALA A 285 -8.46 -3.12 -12.40
N PRO A 286 -7.37 -3.89 -12.24
CA PRO A 286 -7.04 -5.06 -13.07
C PRO A 286 -8.13 -6.09 -13.13
N HIS A 287 -8.15 -6.87 -14.20
CA HIS A 287 -9.20 -7.88 -14.39
C HIS A 287 -9.62 -8.75 -13.20
N LYS A 288 -8.67 -9.15 -12.37
CA LYS A 288 -8.97 -9.99 -11.21
C LYS A 288 -9.79 -9.23 -10.15
N ALA A 289 -9.33 -8.03 -9.79
CA ALA A 289 -10.02 -7.21 -8.81
C ALA A 289 -11.40 -6.82 -9.31
N ALA A 290 -11.47 -6.31 -10.52
CA ALA A 290 -12.75 -5.90 -11.11
C ALA A 290 -13.75 -7.05 -11.12
N ALA A 291 -13.36 -8.18 -11.69
CA ALA A 291 -14.26 -9.33 -11.75
C ALA A 291 -14.80 -9.70 -10.36
N GLY A 292 -14.10 -9.26 -9.31
CA GLY A 292 -14.53 -9.58 -7.97
C GLY A 292 -15.64 -8.68 -7.47
N MET A 293 -15.67 -7.42 -7.91
CA MET A 293 -16.69 -6.50 -7.46
C MET A 293 -18.05 -6.71 -8.14
N LEU A 294 -18.10 -7.59 -9.13
CA LEU A 294 -19.35 -7.83 -9.86
C LEU A 294 -19.42 -9.27 -10.28
N SER A 295 -19.03 -10.17 -9.37
CA SER A 295 -19.01 -11.61 -9.64
C SER A 295 -20.27 -12.26 -10.19
N GLU A 296 -21.42 -11.64 -9.93
CA GLU A 296 -22.70 -12.19 -10.37
C GLU A 296 -22.99 -12.04 -11.86
N LEU A 297 -22.58 -10.93 -12.45
CA LEU A 297 -22.82 -10.68 -13.87
C LEU A 297 -22.20 -11.80 -14.70
N PRO A 298 -23.01 -12.49 -15.51
CA PRO A 298 -22.50 -13.58 -16.34
C PRO A 298 -21.27 -13.24 -17.19
N ALA A 299 -21.31 -12.12 -17.92
CA ALA A 299 -20.18 -11.74 -18.76
C ALA A 299 -18.91 -11.44 -17.99
N ILE A 300 -19.01 -11.17 -16.70
CA ILE A 300 -17.80 -10.88 -15.94
C ILE A 300 -16.88 -12.09 -15.91
N SER A 301 -17.37 -13.25 -16.32
CA SER A 301 -16.53 -14.42 -16.29
C SER A 301 -15.34 -14.25 -17.24
N HIS A 302 -15.55 -13.52 -18.33
CA HIS A 302 -14.49 -13.27 -19.30
C HIS A 302 -13.34 -12.56 -18.61
N LEU A 303 -13.69 -11.65 -17.72
CA LEU A 303 -12.72 -10.87 -16.99
C LEU A 303 -11.94 -11.69 -15.96
N LYS A 304 -12.63 -12.60 -15.27
CA LYS A 304 -11.94 -13.39 -14.24
C LYS A 304 -11.18 -14.60 -14.77
N ASN A 305 -11.35 -14.90 -16.05
CA ASN A 305 -10.66 -16.02 -16.66
C ASN A 305 -9.43 -15.55 -17.41
N MET A 306 -9.19 -14.23 -17.41
CA MET A 306 -8.04 -13.68 -18.07
C MET A 306 -6.77 -14.09 -17.33
N HIS A 307 -5.64 -13.99 -18.02
CA HIS A 307 -4.34 -14.33 -17.43
C HIS A 307 -3.42 -13.13 -17.50
N SER A 308 -2.60 -12.97 -16.47
CA SER A 308 -1.60 -11.92 -16.45
C SER A 308 -0.31 -12.64 -16.08
N THR A 309 0.56 -12.82 -17.06
CA THR A 309 1.83 -13.50 -16.84
C THR A 309 2.71 -12.74 -15.84
N SER A 310 3.54 -13.49 -15.13
CA SER A 310 4.45 -12.91 -14.13
C SER A 310 5.79 -12.63 -14.76
N VAL A 311 6.41 -11.55 -14.36
CA VAL A 311 7.69 -11.23 -14.94
C VAL A 311 8.55 -10.52 -13.90
N ALA A 312 9.86 -10.56 -14.09
CA ALA A 312 10.79 -9.90 -13.16
C ALA A 312 11.69 -8.94 -13.91
N ASN A 313 11.98 -7.81 -13.26
CA ASN A 313 12.81 -6.75 -13.79
C ASN A 313 14.00 -6.60 -12.84
N VAL A 314 15.22 -6.64 -13.40
CA VAL A 314 16.44 -6.52 -12.59
C VAL A 314 17.41 -5.45 -13.10
N ALA A 315 17.56 -4.37 -12.35
CA ALA A 315 18.48 -3.30 -12.72
C ALA A 315 19.87 -3.61 -12.13
N LEU A 316 20.92 -3.21 -12.82
CA LEU A 316 22.28 -3.45 -12.35
C LEU A 316 23.20 -2.25 -12.61
N GLY A 317 23.98 -1.91 -11.59
CA GLY A 317 24.90 -0.78 -11.70
C GLY A 317 26.37 -1.20 -11.66
N PHE A 318 27.12 -0.79 -12.67
CA PHE A 318 28.53 -1.13 -12.78
C PHE A 318 29.43 0.10 -12.94
N PRO A 319 30.56 0.12 -12.21
CA PRO A 319 31.52 1.23 -12.28
C PRO A 319 32.19 1.23 -13.65
N GLU A 320 32.56 0.03 -14.10
CA GLU A 320 33.22 -0.14 -15.39
C GLU A 320 33.58 -1.61 -15.63
N GLY A 321 33.30 -2.45 -14.64
CA GLY A 321 33.61 -3.86 -14.79
C GLY A 321 32.81 -4.43 -15.95
N SER A 322 32.05 -3.54 -16.58
CA SER A 322 31.19 -3.85 -17.72
C SER A 322 31.93 -4.48 -18.89
N VAL A 323 32.96 -3.79 -19.37
CA VAL A 323 33.75 -4.25 -20.51
C VAL A 323 32.82 -4.79 -21.59
N GLN A 324 32.34 -3.88 -22.45
CA GLN A 324 31.43 -4.20 -23.54
C GLN A 324 31.62 -5.60 -24.11
N MET A 325 30.54 -6.13 -24.66
CA MET A 325 30.55 -7.45 -25.28
C MET A 325 31.18 -7.23 -26.66
N GLU A 326 31.14 -8.25 -27.51
CA GLU A 326 31.71 -8.11 -28.84
C GLU A 326 31.14 -6.84 -29.48
N HIS A 327 29.85 -6.87 -29.82
CA HIS A 327 29.18 -5.75 -30.45
C HIS A 327 28.82 -4.68 -29.42
N GLU A 328 28.16 -3.63 -29.87
CA GLU A 328 27.77 -2.56 -28.96
C GLU A 328 26.55 -1.78 -29.44
N GLY A 329 25.41 -2.07 -28.82
CA GLY A 329 24.17 -1.39 -29.18
C GLY A 329 23.25 -1.21 -27.98
N THR A 330 22.04 -0.77 -28.25
CA THR A 330 21.06 -0.55 -27.18
C THR A 330 20.82 -1.78 -26.31
N GLY A 331 20.53 -2.92 -26.93
CA GLY A 331 20.28 -4.13 -26.16
C GLY A 331 20.02 -5.34 -27.04
N PHE A 332 19.39 -6.36 -26.47
CA PHE A 332 19.09 -7.56 -27.23
C PHE A 332 18.07 -8.46 -26.54
N VAL A 333 17.46 -9.35 -27.33
CA VAL A 333 16.48 -10.30 -26.82
C VAL A 333 16.96 -11.73 -27.12
N ILE A 334 16.52 -12.69 -26.31
CA ILE A 334 16.94 -14.07 -26.51
C ILE A 334 15.88 -14.94 -27.18
N SER A 335 16.30 -15.65 -28.23
CA SER A 335 15.43 -16.52 -28.98
C SER A 335 14.98 -17.69 -28.11
N ARG A 336 13.84 -18.26 -28.47
CA ARG A 336 13.25 -19.41 -27.75
C ARG A 336 14.33 -20.46 -27.52
N ASN A 337 14.66 -21.16 -28.60
CA ASN A 337 15.69 -22.19 -28.57
C ASN A 337 17.02 -21.51 -28.22
N SER A 338 17.32 -21.43 -26.92
CA SER A 338 18.56 -20.79 -26.47
C SER A 338 18.88 -21.16 -25.02
N ASP A 339 17.94 -21.85 -24.38
CA ASP A 339 18.10 -22.28 -22.98
C ASP A 339 18.76 -21.22 -22.09
N PHE A 340 18.19 -20.02 -22.10
CA PHE A 340 18.65 -18.90 -21.29
C PHE A 340 17.59 -18.58 -20.25
N ALA A 341 18.00 -17.96 -19.14
CA ALA A 341 17.05 -17.61 -18.10
C ALA A 341 16.51 -16.21 -18.39
N ILE A 342 17.39 -15.27 -18.68
CA ILE A 342 16.97 -13.91 -18.99
C ILE A 342 16.25 -13.92 -20.32
N THR A 343 15.35 -12.95 -20.49
CA THR A 343 14.54 -12.83 -21.69
C THR A 343 15.09 -11.78 -22.62
N ALA A 344 15.57 -10.69 -22.03
CA ALA A 344 16.15 -9.58 -22.78
C ALA A 344 17.11 -8.84 -21.88
N CYS A 345 17.84 -7.90 -22.46
CA CYS A 345 18.80 -7.12 -21.71
C CYS A 345 19.00 -5.83 -22.46
N THR A 346 18.80 -4.70 -21.79
CA THR A 346 18.98 -3.40 -22.41
C THR A 346 20.00 -2.55 -21.67
N TRP A 347 20.75 -1.76 -22.43
CA TRP A 347 21.76 -0.87 -21.86
C TRP A 347 21.03 0.44 -21.59
N THR A 348 20.52 0.60 -20.38
CA THR A 348 19.77 1.80 -20.02
C THR A 348 20.50 3.08 -20.39
N ASN A 349 21.80 3.15 -20.05
CA ASN A 349 22.64 4.32 -20.32
C ASN A 349 22.55 4.80 -21.76
N LYS A 350 22.83 3.89 -22.67
CA LYS A 350 22.79 4.21 -24.09
C LYS A 350 21.46 4.83 -24.51
N LYS A 351 20.35 4.25 -24.07
CA LYS A 351 19.04 4.76 -24.44
C LYS A 351 18.69 6.01 -23.63
N TRP A 352 18.81 5.89 -22.30
CA TRP A 352 18.49 7.01 -21.42
C TRP A 352 19.70 7.30 -20.54
N PRO A 353 20.61 8.12 -21.03
CA PRO A 353 21.81 8.46 -20.27
C PRO A 353 21.47 9.12 -18.93
N HIS A 354 20.42 9.93 -18.93
CA HIS A 354 20.00 10.62 -17.72
C HIS A 354 19.63 9.68 -16.59
N ALA A 355 19.65 8.38 -16.88
CA ALA A 355 19.30 7.38 -15.88
C ALA A 355 20.45 7.09 -14.93
N ALA A 356 21.62 6.82 -15.49
CA ALA A 356 22.80 6.51 -14.70
C ALA A 356 23.81 7.64 -14.66
N PRO A 357 24.52 7.79 -13.51
CA PRO A 357 25.53 8.83 -13.34
C PRO A 357 26.74 8.48 -14.20
N GLU A 358 27.24 9.49 -14.92
CA GLU A 358 28.39 9.34 -15.81
C GLU A 358 29.51 8.50 -15.19
N GLY A 359 30.09 7.61 -15.99
CA GLY A 359 31.15 6.75 -15.50
C GLY A 359 30.58 5.45 -15.00
N LYS A 360 29.25 5.42 -14.90
CA LYS A 360 28.53 4.24 -14.44
C LYS A 360 27.72 3.63 -15.59
N THR A 361 27.65 2.30 -15.61
CA THR A 361 26.89 1.59 -16.62
C THR A 361 25.69 0.90 -15.98
N LEU A 362 24.50 1.29 -16.42
CA LEU A 362 23.25 0.73 -15.89
C LEU A 362 22.57 -0.24 -16.85
N LEU A 363 22.54 -1.50 -16.48
CA LEU A 363 21.90 -2.50 -17.31
C LEU A 363 20.51 -2.87 -16.78
N ARG A 364 19.72 -3.49 -17.64
CA ARG A 364 18.36 -3.92 -17.31
C ARG A 364 18.11 -5.26 -17.96
N ALA A 365 17.76 -6.26 -17.14
CA ALA A 365 17.50 -7.58 -17.66
C ALA A 365 16.10 -8.03 -17.25
N TYR A 366 15.41 -8.67 -18.18
CA TYR A 366 14.07 -9.17 -17.93
C TYR A 366 14.09 -10.67 -17.78
N VAL A 367 13.25 -11.19 -16.90
CA VAL A 367 13.19 -12.63 -16.67
C VAL A 367 11.75 -13.08 -16.51
N GLY A 368 11.51 -14.37 -16.78
CA GLY A 368 10.16 -14.91 -16.67
C GLY A 368 9.42 -14.80 -17.97
N LYS A 369 8.78 -15.88 -18.38
CA LYS A 369 8.04 -15.88 -19.64
C LYS A 369 6.79 -16.74 -19.51
N ALA A 370 5.82 -16.52 -20.41
CA ALA A 370 4.58 -17.30 -20.38
C ALA A 370 4.97 -18.78 -20.30
N GLY A 371 4.35 -19.50 -19.36
CA GLY A 371 4.65 -20.91 -19.19
C GLY A 371 5.56 -21.08 -17.99
N ASP A 372 6.87 -20.98 -18.20
CA ASP A 372 7.84 -21.12 -17.12
C ASP A 372 8.14 -19.74 -16.51
N GLU A 373 7.37 -19.39 -15.47
CA GLU A 373 7.52 -18.11 -14.79
C GLU A 373 7.81 -18.25 -13.29
N SER A 374 8.26 -19.44 -12.90
CA SER A 374 8.58 -19.73 -11.51
C SER A 374 9.82 -18.97 -11.02
N ILE A 375 10.64 -18.51 -11.96
CA ILE A 375 11.86 -17.77 -11.65
C ILE A 375 11.57 -16.53 -10.79
N VAL A 376 10.35 -16.01 -10.88
CA VAL A 376 9.96 -14.81 -10.14
C VAL A 376 9.86 -15.00 -8.62
N ASP A 377 9.87 -16.25 -8.16
CA ASP A 377 9.78 -16.54 -6.72
C ASP A 377 11.13 -16.55 -6.00
N LEU A 378 12.14 -17.10 -6.66
CA LEU A 378 13.48 -17.17 -6.08
C LEU A 378 13.85 -15.84 -5.45
N SER A 379 14.76 -15.87 -4.47
CA SER A 379 15.17 -14.65 -3.77
C SER A 379 16.06 -13.76 -4.62
N ASP A 380 16.15 -12.48 -4.26
CA ASP A 380 16.97 -11.52 -4.99
C ASP A 380 18.29 -12.18 -5.34
N ASN A 381 18.83 -12.91 -4.38
CA ASN A 381 20.09 -13.61 -4.56
C ASN A 381 19.98 -14.50 -5.80
N ASP A 382 19.11 -15.50 -5.73
CA ASP A 382 18.92 -16.40 -6.86
C ASP A 382 18.73 -15.65 -8.18
N ILE A 383 17.92 -14.61 -8.16
CA ILE A 383 17.68 -13.84 -9.38
C ILE A 383 18.94 -13.13 -9.85
N ILE A 384 19.45 -12.23 -9.03
CA ILE A 384 20.65 -11.47 -9.39
C ILE A 384 21.81 -12.39 -9.75
N ASN A 385 21.76 -13.64 -9.28
CA ASN A 385 22.80 -14.62 -9.59
C ASN A 385 22.53 -15.18 -10.99
N ILE A 386 21.29 -15.62 -11.20
CA ILE A 386 20.91 -16.18 -12.48
C ILE A 386 21.10 -15.17 -13.62
N VAL A 387 20.82 -13.89 -13.35
CA VAL A 387 20.98 -12.86 -14.37
C VAL A 387 22.45 -12.77 -14.80
N LEU A 388 23.35 -12.61 -13.84
CA LEU A 388 24.78 -12.49 -14.14
C LEU A 388 25.33 -13.80 -14.73
N GLU A 389 24.83 -14.93 -14.24
CA GLU A 389 25.27 -16.24 -14.73
C GLU A 389 25.08 -16.28 -16.24
N ASP A 390 23.93 -15.77 -16.69
CA ASP A 390 23.60 -15.73 -18.12
C ASP A 390 24.21 -14.52 -18.77
N LEU A 391 24.12 -13.38 -18.10
CA LEU A 391 24.65 -12.14 -18.65
C LEU A 391 26.12 -12.28 -19.02
N LYS A 392 26.90 -12.96 -18.17
CA LYS A 392 28.33 -13.14 -18.40
C LYS A 392 28.63 -13.98 -19.64
N LYS A 393 27.68 -14.79 -20.08
CA LYS A 393 27.89 -15.64 -21.26
C LYS A 393 28.00 -14.87 -22.57
N VAL A 394 27.79 -13.55 -22.55
CA VAL A 394 27.89 -12.78 -23.79
C VAL A 394 28.54 -11.43 -23.55
N MET A 395 29.38 -11.36 -22.52
CA MET A 395 30.09 -10.13 -22.18
C MET A 395 30.88 -10.43 -20.92
N ASN A 396 31.94 -9.65 -20.69
CA ASN A 396 32.75 -9.87 -19.51
C ASN A 396 32.38 -8.92 -18.39
N ILE A 397 32.08 -9.49 -17.22
CA ILE A 397 31.69 -8.70 -16.07
C ILE A 397 32.76 -8.76 -14.99
N ASN A 398 33.80 -7.94 -15.19
CA ASN A 398 34.89 -7.88 -14.23
C ASN A 398 34.37 -7.17 -12.99
N GLY A 399 34.29 -7.90 -11.88
CA GLY A 399 33.81 -7.30 -10.65
C GLY A 399 32.37 -7.67 -10.31
N GLU A 400 31.77 -6.88 -9.42
CA GLU A 400 30.40 -7.11 -8.99
C GLU A 400 29.55 -5.86 -9.14
N PRO A 401 28.22 -6.01 -9.22
CA PRO A 401 27.32 -4.87 -9.37
C PRO A 401 27.41 -3.95 -8.14
N GLU A 402 27.67 -2.67 -8.38
CA GLU A 402 27.74 -1.74 -7.27
C GLU A 402 26.33 -1.56 -6.72
N MET A 403 25.37 -1.36 -7.64
CA MET A 403 23.96 -1.16 -7.30
C MET A 403 23.09 -2.28 -7.87
N THR A 404 22.15 -2.79 -7.06
CA THR A 404 21.26 -3.85 -7.49
C THR A 404 19.80 -3.66 -7.05
N CYS A 405 18.89 -3.65 -8.03
CA CYS A 405 17.47 -3.51 -7.74
C CYS A 405 16.58 -4.49 -8.49
N VAL A 406 16.09 -5.48 -7.76
CA VAL A 406 15.19 -6.48 -8.32
C VAL A 406 13.79 -5.94 -8.07
N THR A 407 12.81 -6.46 -8.79
CA THR A 407 11.43 -6.05 -8.63
C THR A 407 10.52 -7.05 -9.36
N ARG A 408 9.61 -7.66 -8.62
CA ARG A 408 8.70 -8.65 -9.20
C ARG A 408 7.33 -8.09 -9.58
N TRP A 409 6.72 -8.73 -10.59
CA TRP A 409 5.40 -8.36 -11.09
C TRP A 409 4.67 -9.65 -11.29
N HIS A 410 3.99 -10.11 -10.26
CA HIS A 410 3.31 -11.40 -10.36
C HIS A 410 2.26 -11.62 -11.42
N GLU A 411 1.23 -10.81 -11.48
CA GLU A 411 0.29 -11.05 -12.54
C GLU A 411 -0.05 -9.69 -13.02
N SER A 412 0.95 -9.11 -13.66
CA SER A 412 0.88 -7.75 -14.14
C SER A 412 0.90 -7.59 -15.64
N MET A 413 1.03 -8.68 -16.37
CA MET A 413 1.05 -8.59 -17.82
C MET A 413 -0.24 -9.18 -18.35
N PRO A 414 -1.26 -8.34 -18.55
CA PRO A 414 -2.56 -8.80 -19.06
C PRO A 414 -2.38 -9.49 -20.41
N GLN A 415 -3.01 -10.65 -20.57
CA GLN A 415 -2.89 -11.39 -21.83
C GLN A 415 -4.17 -11.37 -22.64
N TYR A 416 -4.13 -10.78 -23.84
CA TYR A 416 -5.32 -10.75 -24.70
C TYR A 416 -5.24 -11.94 -25.63
N HIS A 417 -6.04 -12.96 -25.39
CA HIS A 417 -6.03 -14.12 -26.27
C HIS A 417 -7.08 -14.03 -27.39
N VAL A 418 -7.02 -14.95 -28.33
CA VAL A 418 -7.97 -14.95 -29.45
C VAL A 418 -9.40 -14.82 -28.93
N GLY A 419 -10.17 -13.88 -29.49
CA GLY A 419 -11.53 -13.69 -29.06
C GLY A 419 -11.64 -12.60 -28.00
N HIS A 420 -10.51 -12.05 -27.58
CA HIS A 420 -10.54 -11.00 -26.57
C HIS A 420 -11.50 -9.84 -26.86
N LYS A 421 -11.50 -9.33 -28.10
CA LYS A 421 -12.40 -8.21 -28.42
C LYS A 421 -13.87 -8.55 -28.29
N GLN A 422 -14.25 -9.75 -28.74
CA GLN A 422 -15.65 -10.15 -28.66
C GLN A 422 -16.10 -10.23 -27.22
N ARG A 423 -15.31 -10.91 -26.40
CA ARG A 423 -15.63 -11.05 -24.98
C ARG A 423 -15.71 -9.70 -24.28
N ILE A 424 -14.81 -8.78 -24.61
CA ILE A 424 -14.86 -7.47 -24.00
C ILE A 424 -16.12 -6.71 -24.42
N LYS A 425 -16.54 -6.93 -25.67
CA LYS A 425 -17.73 -6.27 -26.22
C LYS A 425 -18.95 -6.75 -25.44
N GLU A 426 -19.07 -8.07 -25.30
CA GLU A 426 -20.18 -8.63 -24.55
C GLU A 426 -20.22 -8.01 -23.15
N LEU A 427 -19.07 -7.94 -22.50
CA LEU A 427 -19.03 -7.37 -21.18
C LEU A 427 -19.51 -5.92 -21.18
N ARG A 428 -19.04 -5.13 -22.13
CA ARG A 428 -19.44 -3.74 -22.19
C ARG A 428 -20.94 -3.68 -22.36
N GLU A 429 -21.45 -4.46 -23.30
CA GLU A 429 -22.88 -4.53 -23.57
C GLU A 429 -23.66 -5.01 -22.34
N ALA A 430 -23.24 -6.11 -21.74
CA ALA A 430 -23.92 -6.61 -20.55
C ALA A 430 -23.99 -5.50 -19.50
N LEU A 431 -22.89 -4.79 -19.29
CA LEU A 431 -22.85 -3.71 -18.32
C LEU A 431 -23.74 -2.54 -18.74
N ALA A 432 -23.88 -2.33 -20.04
CA ALA A 432 -24.70 -1.23 -20.56
C ALA A 432 -26.19 -1.45 -20.25
N SER A 433 -26.63 -2.70 -20.38
CA SER A 433 -28.02 -3.02 -20.15
C SER A 433 -28.38 -3.40 -18.71
N ALA A 434 -27.42 -3.86 -17.90
CA ALA A 434 -27.72 -4.24 -16.53
C ALA A 434 -27.09 -3.32 -15.50
N TYR A 435 -26.14 -2.49 -15.92
CA TYR A 435 -25.45 -1.60 -14.99
C TYR A 435 -25.14 -0.26 -15.65
N PRO A 436 -26.17 0.40 -16.18
CA PRO A 436 -25.98 1.69 -16.85
C PRO A 436 -25.25 2.69 -15.95
N GLY A 437 -24.25 3.35 -16.52
CA GLY A 437 -23.47 4.32 -15.76
C GLY A 437 -22.16 3.76 -15.22
N VAL A 438 -22.02 2.43 -15.27
CA VAL A 438 -20.83 1.74 -14.80
C VAL A 438 -19.95 1.46 -16.01
N TYR A 439 -18.67 1.72 -15.88
CA TYR A 439 -17.74 1.49 -16.97
C TYR A 439 -16.45 0.89 -16.47
N MET A 440 -15.97 -0.10 -17.20
CA MET A 440 -14.73 -0.80 -16.88
C MET A 440 -13.72 -0.68 -18.05
N THR A 441 -12.57 -0.07 -17.77
CA THR A 441 -11.53 0.06 -18.77
C THR A 441 -10.18 -0.08 -18.09
N GLY A 442 -9.12 0.00 -18.90
CA GLY A 442 -7.79 -0.12 -18.34
C GLY A 442 -6.99 -1.12 -19.13
N ALA A 443 -5.80 -1.43 -18.65
CA ALA A 443 -4.92 -2.37 -19.33
C ALA A 443 -5.53 -3.73 -19.57
N SER A 444 -6.63 -4.06 -18.89
CA SER A 444 -7.24 -5.38 -19.08
C SER A 444 -8.23 -5.42 -20.25
N PHE A 445 -8.53 -4.24 -20.79
CA PHE A 445 -9.49 -4.14 -21.87
C PHE A 445 -8.93 -3.90 -23.27
N GLU A 446 -8.68 -2.64 -23.62
CA GLU A 446 -8.15 -2.39 -24.96
C GLU A 446 -6.85 -1.64 -25.05
N GLY A 447 -5.76 -2.31 -24.69
CA GLY A 447 -4.47 -1.68 -24.75
C GLY A 447 -3.79 -1.62 -23.41
N VAL A 448 -2.60 -2.20 -23.36
CA VAL A 448 -1.82 -2.20 -22.13
C VAL A 448 -0.86 -1.01 -22.11
N GLY A 449 -0.56 -0.43 -23.26
CA GLY A 449 0.35 0.70 -23.26
C GLY A 449 -0.17 1.94 -22.54
N ILE A 450 0.73 2.68 -21.88
CA ILE A 450 0.35 3.89 -21.15
C ILE A 450 -0.53 4.82 -22.00
N PRO A 451 -0.13 5.10 -23.25
CA PRO A 451 -1.00 5.96 -24.03
C PRO A 451 -2.42 5.38 -24.08
N ASP A 452 -2.54 4.13 -24.53
CA ASP A 452 -3.84 3.44 -24.63
C ASP A 452 -4.65 3.54 -23.35
N CYS A 453 -3.99 3.45 -22.20
CA CYS A 453 -4.68 3.53 -20.93
C CYS A 453 -5.21 4.93 -20.67
N ILE A 454 -4.46 5.93 -21.09
CA ILE A 454 -4.85 7.31 -20.89
C ILE A 454 -6.17 7.59 -21.58
N ASP A 455 -6.30 7.26 -22.85
CA ASP A 455 -7.57 7.54 -23.51
C ASP A 455 -8.68 6.62 -23.02
N GLN A 456 -8.34 5.37 -22.70
CA GLN A 456 -9.37 4.46 -22.21
C GLN A 456 -10.04 5.16 -21.02
N GLY A 457 -9.22 5.90 -20.27
CA GLY A 457 -9.73 6.63 -19.12
C GLY A 457 -10.43 7.89 -19.60
N LYS A 458 -9.96 8.44 -20.72
CA LYS A 458 -10.57 9.63 -21.28
C LYS A 458 -11.94 9.26 -21.82
N ALA A 459 -12.02 8.14 -22.51
CA ALA A 459 -13.28 7.67 -23.07
C ALA A 459 -14.23 7.39 -21.92
N ALA A 460 -13.70 6.87 -20.82
CA ALA A 460 -14.55 6.59 -19.69
C ALA A 460 -15.20 7.90 -19.22
N VAL A 461 -14.41 8.96 -19.10
CA VAL A 461 -14.95 10.25 -18.67
C VAL A 461 -16.06 10.68 -19.61
N SER A 462 -15.80 10.53 -20.91
CA SER A 462 -16.77 10.89 -21.91
C SER A 462 -18.10 10.15 -21.69
N ASP A 463 -18.04 8.82 -21.65
CA ASP A 463 -19.23 8.01 -21.45
C ASP A 463 -19.99 8.36 -20.18
N ALA A 464 -19.27 8.45 -19.06
CA ALA A 464 -19.88 8.77 -17.78
C ALA A 464 -20.69 10.06 -17.84
N LEU A 465 -20.12 11.08 -18.48
CA LEU A 465 -20.81 12.36 -18.59
C LEU A 465 -22.04 12.21 -19.46
N THR A 466 -21.87 11.70 -20.68
CA THR A 466 -23.01 11.49 -21.56
C THR A 466 -24.17 10.86 -20.78
N TYR A 467 -23.87 9.79 -20.04
CA TYR A 467 -24.88 9.11 -19.25
C TYR A 467 -25.48 10.03 -18.16
N LEU A 468 -24.62 10.81 -17.50
CA LEU A 468 -25.07 11.68 -16.43
C LEU A 468 -25.82 12.94 -16.85
N PHE A 469 -25.33 13.61 -17.89
CA PHE A 469 -25.96 14.84 -18.33
C PHE A 469 -26.50 14.82 -19.74
N SER A 470 -25.61 14.91 -20.72
CA SER A 470 -26.02 14.90 -22.13
C SER A 470 -27.16 13.91 -22.42
N LYS B 5 -22.77 30.75 21.15
CA LYS B 5 -22.19 29.89 22.22
C LYS B 5 -20.67 29.75 22.07
N LYS B 6 -20.11 28.79 22.80
CA LYS B 6 -18.68 28.48 22.74
C LYS B 6 -18.53 27.22 21.90
N HIS B 7 -17.84 27.35 20.77
CA HIS B 7 -17.64 26.23 19.85
C HIS B 7 -16.26 25.56 20.00
N VAL B 8 -16.26 24.23 19.97
CA VAL B 8 -15.02 23.45 20.09
C VAL B 8 -14.91 22.40 18.97
N VAL B 9 -13.85 22.47 18.17
CA VAL B 9 -13.68 21.50 17.10
C VAL B 9 -12.59 20.48 17.41
N ILE B 10 -12.96 19.20 17.26
CA ILE B 10 -12.05 18.08 17.48
C ILE B 10 -11.55 17.64 16.10
N ILE B 11 -10.23 17.64 15.92
CA ILE B 11 -9.64 17.23 14.64
C ILE B 11 -9.10 15.81 14.80
N GLY B 12 -9.63 14.91 13.96
CA GLY B 12 -9.20 13.52 13.99
C GLY B 12 -10.35 12.69 14.50
N GLY B 13 -10.64 11.61 13.78
CA GLY B 13 -11.74 10.75 14.16
C GLY B 13 -11.35 9.39 14.73
N GLY B 14 -10.08 9.23 15.10
CA GLY B 14 -9.66 7.98 15.67
C GLY B 14 -10.29 7.79 17.04
N ILE B 15 -9.72 6.89 17.84
CA ILE B 15 -10.23 6.65 19.18
C ILE B 15 -10.03 7.86 20.10
N THR B 16 -8.93 8.58 19.94
CA THR B 16 -8.68 9.76 20.77
C THR B 16 -9.72 10.86 20.53
N GLY B 17 -9.99 11.16 19.27
CA GLY B 17 -10.98 12.17 18.95
C GLY B 17 -12.38 11.72 19.33
N LEU B 18 -12.65 10.45 19.09
CA LEU B 18 -13.95 9.88 19.42
C LEU B 18 -14.12 9.91 20.92
N ALA B 19 -13.09 9.45 21.64
CA ALA B 19 -13.13 9.44 23.09
C ALA B 19 -13.39 10.87 23.57
N ALA B 20 -12.67 11.82 23.00
CA ALA B 20 -12.85 13.22 23.39
C ALA B 20 -14.27 13.64 23.08
N ALA B 21 -14.75 13.29 21.90
CA ALA B 21 -16.11 13.66 21.48
C ALA B 21 -17.17 13.07 22.39
N PHE B 22 -17.00 11.80 22.73
CA PHE B 22 -17.97 11.12 23.58
C PHE B 22 -18.08 11.70 24.98
N TYR B 23 -16.95 11.94 25.63
CA TYR B 23 -16.98 12.48 26.99
C TYR B 23 -17.19 13.98 27.02
N MET B 24 -17.16 14.61 25.85
CA MET B 24 -17.39 16.04 25.75
C MET B 24 -18.89 16.23 25.81
N GLU B 25 -19.62 15.41 25.06
CA GLU B 25 -21.07 15.47 25.04
C GLU B 25 -21.61 15.11 26.41
N LYS B 26 -21.04 14.06 27.00
CA LYS B 26 -21.45 13.62 28.31
C LYS B 26 -21.32 14.77 29.30
N GLU B 27 -20.42 15.71 29.02
CA GLU B 27 -20.24 16.85 29.91
C GLU B 27 -21.18 17.98 29.59
N ILE B 28 -21.43 18.19 28.30
CA ILE B 28 -22.32 19.26 27.87
C ILE B 28 -23.75 19.03 28.35
N LYS B 29 -24.07 17.76 28.62
CA LYS B 29 -25.41 17.40 29.10
C LYS B 29 -25.36 16.84 30.52
N GLU B 30 -24.85 17.66 31.44
CA GLU B 30 -24.72 17.28 32.85
C GLU B 30 -24.33 18.52 33.62
N LYS B 31 -24.15 19.61 32.87
CA LYS B 31 -23.79 20.91 33.42
C LYS B 31 -24.51 21.89 32.52
N ASN B 32 -25.10 21.35 31.46
CA ASN B 32 -25.82 22.12 30.46
C ASN B 32 -25.02 23.36 30.08
N LEU B 33 -23.84 23.11 29.52
CA LEU B 33 -22.91 24.17 29.11
C LEU B 33 -23.28 24.70 27.73
N PRO B 34 -23.17 26.01 27.52
CA PRO B 34 -23.49 26.62 26.22
C PRO B 34 -22.34 26.34 25.25
N LEU B 35 -22.14 25.05 24.97
CA LEU B 35 -21.07 24.57 24.11
C LEU B 35 -21.65 23.82 22.91
N GLU B 36 -21.01 24.00 21.77
CA GLU B 36 -21.42 23.36 20.54
C GLU B 36 -20.13 22.79 19.97
N LEU B 37 -20.04 21.47 19.83
CA LEU B 37 -18.82 20.84 19.33
C LEU B 37 -18.92 20.10 18.01
N THR B 38 -17.85 20.13 17.23
CA THR B 38 -17.83 19.42 15.96
C THR B 38 -16.49 18.71 15.76
N LEU B 39 -16.53 17.60 15.05
CA LEU B 39 -15.34 16.78 14.80
C LEU B 39 -15.07 16.59 13.30
N VAL B 40 -13.85 16.91 12.88
CA VAL B 40 -13.46 16.77 11.47
C VAL B 40 -12.58 15.53 11.26
N GLU B 41 -12.94 14.72 10.26
CA GLU B 41 -12.19 13.49 9.96
C GLU B 41 -11.83 13.44 8.47
N ALA B 42 -10.55 13.25 8.17
CA ALA B 42 -10.07 13.23 6.78
C ALA B 42 -10.54 12.08 5.93
N SER B 43 -10.38 10.86 6.43
CA SER B 43 -10.82 9.68 5.70
C SER B 43 -12.35 9.61 5.79
N PRO B 44 -12.99 8.79 4.93
CA PRO B 44 -14.44 8.60 4.88
C PRO B 44 -15.06 7.87 6.08
N ARG B 45 -14.21 7.29 6.91
CA ARG B 45 -14.67 6.56 8.11
C ARG B 45 -14.06 7.12 9.39
N VAL B 46 -14.57 6.66 10.53
CA VAL B 46 -14.02 7.09 11.81
C VAL B 46 -13.40 5.84 12.44
N GLY B 47 -12.49 6.02 13.39
CA GLY B 47 -11.86 4.87 14.01
C GLY B 47 -10.37 4.79 13.76
N GLY B 48 -9.90 5.45 12.71
CA GLY B 48 -8.47 5.44 12.39
C GLY B 48 -7.77 4.10 12.40
N LYS B 49 -6.76 3.97 13.26
CA LYS B 49 -5.99 2.74 13.37
C LYS B 49 -6.87 1.52 13.68
N ILE B 50 -7.98 1.72 14.36
CA ILE B 50 -8.88 0.61 14.70
C ILE B 50 -9.76 0.19 13.51
N GLN B 51 -9.42 -0.95 12.89
CA GLN B 51 -10.16 -1.46 11.74
C GLN B 51 -10.39 -2.96 11.80
N THR B 52 -11.65 -3.37 11.81
CA THR B 52 -12.04 -4.77 11.87
C THR B 52 -12.78 -5.23 10.62
N VAL B 53 -12.24 -6.19 9.88
CA VAL B 53 -12.92 -6.70 8.69
C VAL B 53 -13.31 -8.16 8.87
N LYS B 54 -14.41 -8.53 8.24
CA LYS B 54 -14.94 -9.89 8.31
C LYS B 54 -15.00 -10.55 6.93
N LYS B 55 -14.53 -11.78 6.85
CA LYS B 55 -14.51 -12.54 5.60
C LYS B 55 -14.65 -14.02 5.91
N ASP B 56 -15.66 -14.67 5.32
CA ASP B 56 -15.89 -16.11 5.51
C ASP B 56 -15.99 -16.50 6.98
N GLY B 57 -16.88 -15.85 7.72
CA GLY B 57 -17.05 -16.16 9.13
C GLY B 57 -15.85 -15.83 9.98
N TYR B 58 -14.87 -15.13 9.38
CA TYR B 58 -13.67 -14.73 10.11
C TYR B 58 -13.85 -13.33 10.69
N ILE B 59 -12.97 -12.98 11.62
CA ILE B 59 -12.96 -11.67 12.25
C ILE B 59 -11.48 -11.33 12.39
N ILE B 60 -10.96 -10.61 11.42
CA ILE B 60 -9.54 -10.26 11.45
C ILE B 60 -9.33 -8.79 11.80
N GLU B 61 -8.51 -8.55 12.82
CA GLU B 61 -8.17 -7.19 13.24
C GLU B 61 -6.93 -6.80 12.44
N ARG B 62 -7.11 -5.93 11.45
CA ARG B 62 -5.99 -5.52 10.60
C ARG B 62 -4.91 -4.85 11.45
N GLY B 63 -5.34 -4.19 12.51
CA GLY B 63 -4.40 -3.50 13.37
C GLY B 63 -4.61 -3.82 14.84
N PRO B 64 -5.17 -2.89 15.61
CA PRO B 64 -5.42 -3.11 17.03
C PRO B 64 -6.16 -4.40 17.23
N ASP B 65 -5.50 -5.29 17.95
CA ASP B 65 -6.00 -6.60 18.29
C ASP B 65 -6.94 -6.51 19.49
N SER B 66 -6.41 -6.13 20.66
CA SER B 66 -7.21 -6.00 21.88
C SER B 66 -6.64 -4.88 22.72
N PHE B 67 -6.95 -4.87 24.02
CA PHE B 67 -6.42 -3.84 24.89
C PHE B 67 -6.21 -4.34 26.32
N LEU B 68 -5.19 -3.79 27.00
CA LEU B 68 -4.88 -4.18 28.37
C LEU B 68 -6.06 -3.88 29.29
N GLU B 69 -6.53 -4.89 30.00
CA GLU B 69 -7.68 -4.75 30.88
C GLU B 69 -7.43 -3.91 32.13
N ARG B 70 -6.24 -3.99 32.70
CA ARG B 70 -5.93 -3.25 33.92
C ARG B 70 -6.03 -1.72 33.72
N LYS B 71 -6.07 -1.27 32.48
CA LYS B 71 -6.17 0.15 32.22
C LYS B 71 -7.65 0.56 32.13
N LYS B 72 -8.19 0.95 33.28
CA LYS B 72 -9.59 1.35 33.44
C LYS B 72 -10.23 2.10 32.28
N SER B 73 -9.62 3.20 31.87
CA SER B 73 -10.16 4.01 30.77
C SER B 73 -10.73 3.21 29.59
N ALA B 74 -10.12 2.07 29.30
CA ALA B 74 -10.60 1.24 28.18
C ALA B 74 -11.91 0.51 28.50
N PRO B 75 -11.89 -0.51 29.38
CA PRO B 75 -13.15 -1.19 29.66
C PRO B 75 -14.22 -0.24 30.18
N GLN B 76 -13.79 0.79 30.91
CA GLN B 76 -14.74 1.78 31.42
C GLN B 76 -15.59 2.37 30.29
N LEU B 77 -14.93 2.80 29.23
CA LEU B 77 -15.63 3.38 28.08
C LEU B 77 -16.66 2.38 27.58
N VAL B 78 -16.24 1.12 27.49
CA VAL B 78 -17.10 0.03 27.02
C VAL B 78 -18.43 0.03 27.78
N LYS B 79 -18.35 0.21 29.10
CA LYS B 79 -19.55 0.24 29.94
C LYS B 79 -20.40 1.45 29.55
N ASP B 80 -19.84 2.64 29.70
CA ASP B 80 -20.56 3.86 29.37
C ASP B 80 -21.24 3.72 28.01
N LEU B 81 -20.55 3.06 27.09
CA LEU B 81 -21.06 2.87 25.74
C LEU B 81 -22.02 1.68 25.71
N GLY B 82 -22.25 1.09 26.87
CA GLY B 82 -23.13 -0.06 26.99
C GLY B 82 -22.76 -1.20 26.05
N LEU B 83 -21.70 -1.94 26.39
CA LEU B 83 -21.27 -3.05 25.53
C LEU B 83 -20.55 -4.15 26.29
N GLU B 84 -20.60 -4.12 27.61
CA GLU B 84 -19.94 -5.16 28.41
C GLU B 84 -20.34 -6.55 27.92
N HIS B 85 -21.55 -6.65 27.38
CA HIS B 85 -22.06 -7.92 26.87
C HIS B 85 -21.36 -8.36 25.59
N LEU B 86 -20.05 -8.16 25.53
CA LEU B 86 -19.27 -8.54 24.36
C LEU B 86 -17.83 -8.77 24.73
N LEU B 87 -17.48 -8.30 25.93
CA LEU B 87 -16.12 -8.41 26.44
C LEU B 87 -15.67 -9.86 26.55
N VAL B 88 -14.53 -10.16 25.94
CA VAL B 88 -13.97 -11.51 25.98
C VAL B 88 -12.47 -11.41 26.18
N ASN B 89 -11.96 -12.01 27.26
CA ASN B 89 -10.52 -11.96 27.50
C ASN B 89 -9.78 -12.94 26.61
N ASN B 90 -8.46 -12.81 26.59
CA ASN B 90 -7.65 -13.70 25.77
C ASN B 90 -7.50 -15.04 26.46
N ALA B 91 -7.43 -16.09 25.65
CA ALA B 91 -7.26 -17.42 26.17
C ALA B 91 -5.76 -17.65 26.32
N THR B 92 -5.27 -17.55 27.55
CA THR B 92 -3.84 -17.72 27.81
C THR B 92 -3.25 -18.97 27.19
N GLY B 93 -1.93 -18.99 27.09
CA GLY B 93 -1.22 -20.10 26.51
C GLY B 93 0.27 -19.84 26.65
N GLN B 94 1.09 -20.81 26.25
CA GLN B 94 2.54 -20.63 26.35
C GLN B 94 3.06 -19.93 25.10
N SER B 95 4.15 -19.17 25.27
CA SER B 95 4.74 -18.46 24.14
C SER B 95 6.19 -18.86 24.00
N TYR B 96 6.78 -18.57 22.84
CA TYR B 96 8.15 -18.94 22.58
C TYR B 96 8.94 -17.84 21.89
N VAL B 97 10.26 -18.01 21.87
CA VAL B 97 11.15 -17.07 21.21
C VAL B 97 12.09 -17.87 20.32
N LEU B 98 11.93 -17.71 19.02
CA LEU B 98 12.75 -18.41 18.05
C LEU B 98 14.12 -17.73 17.99
N VAL B 99 15.13 -18.35 18.57
CA VAL B 99 16.44 -17.74 18.53
C VAL B 99 17.05 -17.98 17.15
N ASN B 100 17.75 -19.09 16.96
CA ASN B 100 18.32 -19.38 15.65
C ASN B 100 17.41 -20.42 15.00
N ARG B 101 17.69 -21.68 15.31
CA ARG B 101 16.89 -22.79 14.80
C ARG B 101 16.43 -23.55 16.03
N THR B 102 15.57 -22.92 16.83
CA THR B 102 15.05 -23.54 18.05
C THR B 102 13.98 -22.69 18.73
N LEU B 103 12.85 -23.32 19.05
CA LEU B 103 11.77 -22.63 19.73
C LEU B 103 11.91 -22.79 21.22
N HIS B 104 12.59 -21.83 21.85
CA HIS B 104 12.76 -21.89 23.29
C HIS B 104 11.47 -21.49 23.96
N PRO B 105 11.07 -22.28 24.98
CA PRO B 105 9.86 -22.08 25.76
C PRO B 105 10.22 -20.72 26.34
N MET B 106 9.46 -20.19 27.29
CA MET B 106 9.89 -18.87 27.68
C MET B 106 9.31 -18.20 28.89
N PRO B 107 9.64 -18.66 30.11
CA PRO B 107 10.35 -19.61 30.97
C PRO B 107 9.47 -19.62 32.24
N LYS B 108 9.69 -20.55 33.17
CA LYS B 108 8.83 -20.60 34.38
C LYS B 108 9.20 -19.59 35.50
N GLY B 109 9.94 -20.05 36.52
CA GLY B 109 10.32 -19.17 37.61
C GLY B 109 11.81 -18.94 37.77
N SER B 130 1.66 -15.82 40.87
CA SER B 130 2.26 -14.49 40.77
C SER B 130 2.62 -13.99 42.17
N GLY B 131 3.24 -12.81 42.23
CA GLY B 131 3.67 -12.27 43.51
C GLY B 131 5.08 -12.78 43.64
N LYS B 132 5.34 -13.87 42.92
CA LYS B 132 6.63 -14.53 42.82
C LYS B 132 7.30 -13.86 41.61
N ALA B 133 6.47 -13.54 40.61
CA ALA B 133 6.92 -12.88 39.39
C ALA B 133 7.10 -11.39 39.64
N ARG B 134 6.20 -10.80 40.43
CA ARG B 134 6.29 -9.39 40.76
C ARG B 134 7.57 -9.12 41.58
N ALA B 135 7.95 -10.09 42.41
CA ALA B 135 9.14 -9.95 43.25
C ALA B 135 10.42 -10.21 42.47
N ALA B 136 10.36 -11.17 41.53
CA ALA B 136 11.52 -11.50 40.72
C ALA B 136 11.87 -10.30 39.85
N MET B 137 10.83 -9.60 39.39
CA MET B 137 11.00 -8.42 38.55
C MET B 137 11.61 -7.25 39.32
N ASP B 138 11.15 -7.01 40.55
CA ASP B 138 11.68 -5.90 41.36
C ASP B 138 13.13 -6.14 41.74
N PHE B 139 13.54 -7.40 41.71
CA PHE B 139 14.92 -7.76 42.04
C PHE B 139 15.74 -7.58 40.78
N ILE B 140 15.31 -8.23 39.70
CA ILE B 140 15.96 -8.19 38.40
C ILE B 140 16.04 -6.79 37.75
N LEU B 141 14.94 -6.06 37.80
CA LEU B 141 14.88 -4.73 37.22
C LEU B 141 14.60 -3.63 38.26
N PRO B 142 15.63 -3.24 39.04
CA PRO B 142 15.49 -2.21 40.06
C PRO B 142 14.95 -0.94 39.43
N ALA B 143 14.53 0.02 40.25
CA ALA B 143 14.03 1.29 39.72
C ALA B 143 15.24 2.06 39.21
N SER B 144 14.98 3.05 38.36
CA SER B 144 16.04 3.87 37.78
C SER B 144 16.81 4.72 38.79
N LYS B 145 18.14 4.73 38.64
CA LYS B 145 19.01 5.53 39.51
C LYS B 145 18.82 7.02 39.21
N THR B 146 19.37 7.47 38.08
CA THR B 146 19.26 8.87 37.66
C THR B 146 17.83 9.26 37.27
N LYS B 147 17.54 10.55 37.24
CA LYS B 147 16.20 10.98 36.83
C LYS B 147 16.20 11.52 35.39
N ASP B 148 17.31 11.29 34.69
CA ASP B 148 17.44 11.71 33.30
C ASP B 148 16.93 10.58 32.43
N ASP B 149 16.27 10.91 31.33
CA ASP B 149 15.75 9.89 30.44
C ASP B 149 16.92 9.08 29.89
N GLN B 150 16.63 7.86 29.45
CA GLN B 150 17.64 6.98 28.89
C GLN B 150 16.92 5.96 28.02
N SER B 151 17.68 5.23 27.22
CA SER B 151 17.06 4.23 26.34
C SER B 151 16.78 2.92 27.07
N LEU B 152 15.75 2.23 26.62
CA LEU B 152 15.39 0.94 27.19
C LEU B 152 16.62 0.02 27.15
N GLY B 153 17.35 0.02 26.04
CA GLY B 153 18.52 -0.82 25.95
C GLY B 153 19.53 -0.50 27.03
N GLU B 154 19.77 0.78 27.26
CA GLU B 154 20.73 1.20 28.25
C GLU B 154 20.25 0.73 29.63
N PHE B 155 18.98 0.96 29.90
CA PHE B 155 18.34 0.57 31.15
C PHE B 155 18.49 -0.93 31.48
N PHE B 156 18.13 -1.79 30.53
CA PHE B 156 18.23 -3.24 30.74
C PHE B 156 19.68 -3.73 30.79
N ARG B 157 20.43 -3.37 29.75
CA ARG B 157 21.81 -3.77 29.63
C ARG B 157 22.61 -3.40 30.88
N ARG B 158 22.13 -2.40 31.61
CA ARG B 158 22.82 -1.97 32.80
C ARG B 158 22.57 -2.90 33.98
N ARG B 159 21.45 -3.63 33.96
CA ARG B 159 21.16 -4.52 35.09
C ARG B 159 20.96 -6.00 34.78
N VAL B 160 21.11 -6.38 33.52
CA VAL B 160 20.94 -7.76 33.12
C VAL B 160 21.93 -8.01 31.97
N GLY B 161 22.29 -9.26 31.73
CA GLY B 161 23.23 -9.56 30.66
C GLY B 161 22.78 -9.27 29.24
N ASP B 162 23.73 -8.88 28.38
CA ASP B 162 23.47 -8.55 26.97
C ASP B 162 22.72 -9.68 26.27
N GLU B 163 23.20 -10.90 26.46
CA GLU B 163 22.57 -12.06 25.86
C GLU B 163 21.08 -12.06 26.13
N VAL B 164 20.72 -11.80 27.38
CA VAL B 164 19.31 -11.76 27.74
C VAL B 164 18.56 -10.68 26.94
N VAL B 165 19.08 -9.47 26.95
CA VAL B 165 18.44 -8.41 26.20
C VAL B 165 18.20 -8.82 24.75
N GLU B 166 19.27 -9.20 24.08
CA GLU B 166 19.22 -9.62 22.68
C GLU B 166 18.27 -10.78 22.33
N ASN B 167 18.31 -11.85 23.11
CA ASN B 167 17.47 -12.99 22.81
C ASN B 167 16.08 -12.99 23.40
N LEU B 168 15.80 -12.15 24.39
CA LEU B 168 14.47 -12.16 24.95
C LEU B 168 13.75 -10.82 25.03
N ILE B 169 14.33 -9.87 25.77
CA ILE B 169 13.73 -8.55 25.95
C ILE B 169 13.56 -7.81 24.63
N GLU B 170 14.67 -7.65 23.94
CA GLU B 170 14.72 -6.96 22.66
C GLU B 170 13.69 -7.46 21.63
N PRO B 171 13.54 -8.79 21.48
CA PRO B 171 12.57 -9.34 20.53
C PRO B 171 11.15 -8.99 20.90
N LEU B 172 10.84 -9.03 22.19
CA LEU B 172 9.50 -8.70 22.66
C LEU B 172 9.18 -7.22 22.44
N LEU B 173 10.02 -6.33 22.99
CA LEU B 173 9.81 -4.91 22.86
C LEU B 173 9.64 -4.46 21.43
N SER B 174 10.55 -4.90 20.57
CA SER B 174 10.48 -4.54 19.15
C SER B 174 9.14 -5.01 18.58
N GLY B 175 8.59 -6.05 19.18
CA GLY B 175 7.33 -6.58 18.72
C GLY B 175 6.13 -5.71 19.02
N ILE B 176 6.23 -4.81 20.00
CA ILE B 176 5.09 -3.96 20.35
C ILE B 176 5.36 -2.46 20.29
N TYR B 177 6.36 -2.07 19.51
CA TYR B 177 6.73 -0.66 19.33
C TYR B 177 7.39 -0.54 17.97
N ALA B 178 7.74 -1.69 17.40
CA ALA B 178 8.38 -1.72 16.11
C ALA B 178 9.52 -0.71 16.10
N GLY B 179 10.27 -0.67 17.20
CA GLY B 179 11.35 0.27 17.26
C GLY B 179 12.68 -0.29 17.65
N ASP B 180 13.66 0.60 17.76
CA ASP B 180 15.02 0.28 18.12
C ASP B 180 15.14 0.55 19.64
N ILE B 181 15.33 -0.51 20.43
CA ILE B 181 15.42 -0.32 21.87
C ILE B 181 16.60 0.54 22.32
N ASP B 182 17.59 0.74 21.46
CA ASP B 182 18.70 1.59 21.84
C ASP B 182 18.31 3.05 21.65
N LYS B 183 17.15 3.28 21.05
CA LYS B 183 16.65 4.61 20.81
C LYS B 183 15.41 4.96 21.65
N LEU B 184 14.52 3.99 21.83
CA LEU B 184 13.29 4.19 22.60
C LEU B 184 13.54 4.67 24.03
N SER B 185 12.67 5.58 24.48
CA SER B 185 12.78 6.16 25.80
C SER B 185 12.21 5.34 26.94
N LEU B 186 12.99 5.19 28.01
CA LEU B 186 12.55 4.45 29.18
C LEU B 186 11.41 5.20 29.83
N MET B 187 11.61 6.49 30.01
CA MET B 187 10.63 7.38 30.61
C MET B 187 9.28 7.41 29.90
N SER B 188 9.27 7.32 28.58
CA SER B 188 8.01 7.41 27.85
C SER B 188 7.30 6.09 27.61
N THR B 189 8.01 4.99 27.72
CA THR B 189 7.39 3.68 27.50
C THR B 189 7.05 2.97 28.80
N PHE B 190 7.96 3.04 29.76
CA PHE B 190 7.74 2.40 31.06
C PHE B 190 8.01 3.37 32.19
N PRO B 191 7.22 4.45 32.28
CA PRO B 191 7.38 5.46 33.34
C PRO B 191 7.43 4.88 34.75
N GLN B 192 6.90 3.68 34.91
CA GLN B 192 6.87 3.02 36.22
C GLN B 192 8.25 2.65 36.79
N PHE B 193 9.31 2.76 36.00
CA PHE B 193 10.64 2.43 36.51
C PHE B 193 11.31 3.72 37.02
N TYR B 194 10.48 4.73 37.27
CA TYR B 194 10.94 6.03 37.77
C TYR B 194 10.27 6.42 39.10
N GLN B 195 9.34 5.59 39.56
CA GLN B 195 8.66 5.86 40.82
C GLN B 195 9.63 5.58 41.96
N THR B 196 10.84 5.12 41.60
CA THR B 196 11.92 4.81 42.54
C THR B 196 11.39 4.18 43.83
N GLN B 224 -8.98 -15.86 32.10
CA GLN B 224 -7.65 -16.35 32.39
C GLN B 224 -6.60 -15.40 31.81
N GLY B 225 -7.02 -14.63 30.81
CA GLY B 225 -6.12 -13.69 30.16
C GLY B 225 -6.13 -12.28 30.76
N GLN B 226 -5.26 -11.42 30.24
CA GLN B 226 -5.16 -10.05 30.71
C GLN B 226 -5.56 -9.00 29.66
N PHE B 227 -6.02 -9.45 28.49
CA PHE B 227 -6.46 -8.57 27.41
C PHE B 227 -7.93 -8.77 27.07
N GLN B 228 -8.61 -7.69 26.70
CA GLN B 228 -10.01 -7.77 26.33
C GLN B 228 -10.28 -7.25 24.91
N THR B 229 -11.40 -7.67 24.34
CA THR B 229 -11.82 -7.26 23.01
C THR B 229 -13.33 -7.36 22.96
N LEU B 230 -13.88 -7.11 21.79
CA LEU B 230 -15.31 -7.22 21.57
C LEU B 230 -15.49 -8.38 20.58
N SER B 231 -16.22 -9.41 21.02
CA SER B 231 -16.49 -10.59 20.21
C SER B 231 -16.94 -10.25 18.79
N THR B 232 -17.43 -9.03 18.60
CA THR B 232 -17.90 -8.58 17.30
C THR B 232 -16.78 -7.97 16.47
N GLY B 233 -15.69 -7.61 17.15
CA GLY B 233 -14.55 -6.99 16.50
C GLY B 233 -14.35 -5.62 17.15
N LEU B 234 -13.11 -5.23 17.40
CA LEU B 234 -12.84 -3.96 18.03
C LEU B 234 -13.51 -2.80 17.30
N GLN B 235 -13.59 -2.89 15.97
CA GLN B 235 -14.19 -1.82 15.19
C GLN B 235 -15.60 -1.46 15.60
N THR B 236 -16.29 -2.37 16.29
CA THR B 236 -17.65 -2.08 16.72
C THR B 236 -17.60 -0.98 17.78
N LEU B 237 -16.59 -1.02 18.64
CA LEU B 237 -16.44 0.00 19.68
C LEU B 237 -16.43 1.38 19.04
N VAL B 238 -15.84 1.48 17.85
CA VAL B 238 -15.76 2.74 17.13
C VAL B 238 -17.12 3.14 16.57
N GLU B 239 -17.78 2.22 15.89
CA GLU B 239 -19.09 2.48 15.30
C GLU B 239 -20.15 2.83 16.35
N GLU B 240 -20.06 2.17 17.50
CA GLU B 240 -21.01 2.40 18.59
C GLU B 240 -20.95 3.83 19.06
N ILE B 241 -19.76 4.43 19.03
CA ILE B 241 -19.59 5.80 19.45
C ILE B 241 -20.20 6.74 18.42
N GLU B 242 -19.86 6.53 17.15
CA GLU B 242 -20.39 7.39 16.08
C GLU B 242 -21.90 7.51 16.16
N LYS B 243 -22.56 6.39 16.48
CA LYS B 243 -24.01 6.37 16.56
C LYS B 243 -24.53 7.09 17.80
N GLN B 244 -23.82 6.99 18.93
CA GLN B 244 -24.27 7.64 20.15
C GLN B 244 -23.87 9.12 20.26
N LEU B 245 -23.35 9.70 19.18
CA LEU B 245 -22.97 11.12 19.19
C LEU B 245 -24.13 11.93 18.60
N LYS B 246 -24.73 12.78 19.42
CA LYS B 246 -25.87 13.58 19.00
C LYS B 246 -25.58 15.05 18.72
N LEU B 247 -24.94 15.73 19.67
CA LEU B 247 -24.63 17.15 19.52
C LEU B 247 -23.37 17.42 18.70
N THR B 248 -22.72 16.38 18.20
CA THR B 248 -21.49 16.57 17.45
C THR B 248 -21.68 16.52 15.94
N LYS B 249 -21.32 17.58 15.24
CA LYS B 249 -21.43 17.59 13.79
C LYS B 249 -20.20 16.86 13.26
N VAL B 250 -20.37 15.58 12.93
CA VAL B 250 -19.27 14.77 12.43
C VAL B 250 -19.03 14.87 10.92
N TYR B 251 -18.00 15.61 10.52
CA TYR B 251 -17.70 15.75 9.10
C TYR B 251 -16.56 14.83 8.69
N LYS B 252 -16.82 13.96 7.72
CA LYS B 252 -15.82 13.05 7.23
C LYS B 252 -15.29 13.52 5.89
N GLY B 253 -14.38 12.72 5.32
CA GLY B 253 -13.81 13.04 4.03
C GLY B 253 -13.22 14.43 3.89
N THR B 254 -13.03 15.10 5.02
CA THR B 254 -12.48 16.45 5.03
C THR B 254 -11.30 16.56 5.99
N LYS B 255 -10.22 17.16 5.52
CA LYS B 255 -9.06 17.32 6.38
C LYS B 255 -8.73 18.79 6.69
N VAL B 256 -8.38 19.06 7.94
CA VAL B 256 -7.99 20.40 8.32
C VAL B 256 -6.60 20.56 7.76
N THR B 257 -6.31 21.68 7.12
CA THR B 257 -4.98 21.88 6.57
C THR B 257 -4.21 23.00 7.24
N LYS B 258 -4.94 23.90 7.93
CA LYS B 258 -4.27 25.00 8.64
C LYS B 258 -5.04 25.49 9.86
N LEU B 259 -4.28 25.76 10.93
CA LEU B 259 -4.86 26.26 12.17
C LEU B 259 -4.32 27.67 12.32
N SER B 260 -5.21 28.64 12.45
CA SER B 260 -4.82 30.03 12.57
C SER B 260 -5.70 30.82 13.52
N HIS B 261 -5.45 32.12 13.65
CA HIS B 261 -6.27 32.92 14.53
C HIS B 261 -6.96 34.04 13.79
N SER B 262 -8.28 34.15 13.95
CA SER B 262 -9.10 35.19 13.30
C SER B 262 -9.01 36.48 14.11
N GLY B 263 -10.10 36.81 14.79
CA GLY B 263 -10.12 38.00 15.61
C GLY B 263 -10.06 37.50 17.03
N SER B 264 -11.17 36.95 17.51
CA SER B 264 -11.24 36.41 18.85
C SER B 264 -11.42 34.89 18.76
N CYS B 265 -11.49 34.39 17.54
CA CYS B 265 -11.65 32.96 17.30
C CYS B 265 -10.45 32.35 16.57
N TYR B 266 -10.41 31.02 16.54
CA TYR B 266 -9.37 30.32 15.82
C TYR B 266 -10.01 30.04 14.46
N SER B 267 -9.19 30.01 13.42
CA SER B 267 -9.67 29.74 12.08
C SER B 267 -9.10 28.43 11.55
N LEU B 268 -9.97 27.51 11.16
CA LEU B 268 -9.51 26.23 10.62
C LEU B 268 -9.73 26.08 9.13
N GLU B 269 -8.66 26.19 8.36
CA GLU B 269 -8.77 26.05 6.91
C GLU B 269 -8.95 24.58 6.54
N LEU B 270 -10.01 24.29 5.82
CA LEU B 270 -10.26 22.92 5.41
C LEU B 270 -9.69 22.59 4.04
N ASP B 271 -9.87 21.33 3.68
CA ASP B 271 -9.42 20.75 2.43
C ASP B 271 -10.10 21.49 1.30
N ASN B 272 -11.42 21.37 1.28
CA ASN B 272 -12.29 21.97 0.26
C ASN B 272 -12.24 23.50 0.15
N GLY B 273 -11.86 24.19 1.23
CA GLY B 273 -11.80 25.65 1.19
C GLY B 273 -12.64 26.31 2.26
N VAL B 274 -13.57 25.55 2.82
CA VAL B 274 -14.42 26.04 3.90
C VAL B 274 -13.54 26.40 5.10
N THR B 275 -13.96 27.37 5.90
CA THR B 275 -13.18 27.74 7.07
C THR B 275 -14.09 27.67 8.28
N LEU B 276 -13.70 26.90 9.29
CA LEU B 276 -14.49 26.79 10.51
C LEU B 276 -13.94 27.72 11.57
N ASP B 277 -14.78 28.08 12.53
CA ASP B 277 -14.34 28.95 13.61
C ASP B 277 -14.46 28.18 14.92
N ALA B 278 -13.57 28.46 15.85
CA ALA B 278 -13.64 27.75 17.12
C ALA B 278 -12.95 28.53 18.23
N ASP B 279 -13.41 28.29 19.46
CA ASP B 279 -12.84 28.97 20.59
C ASP B 279 -11.79 28.09 21.21
N SER B 280 -11.95 26.79 21.03
CA SER B 280 -11.01 25.78 21.55
C SER B 280 -10.87 24.66 20.52
N VAL B 281 -9.65 24.15 20.36
CA VAL B 281 -9.42 23.07 19.40
C VAL B 281 -8.62 21.93 19.96
N ILE B 282 -9.15 20.70 19.81
CA ILE B 282 -8.46 19.50 20.27
C ILE B 282 -7.96 18.76 19.01
N VAL B 283 -6.65 18.78 18.79
CA VAL B 283 -6.05 18.14 17.63
C VAL B 283 -5.58 16.74 17.99
N THR B 284 -6.14 15.73 17.34
CA THR B 284 -5.75 14.35 17.63
C THR B 284 -5.10 13.62 16.46
N ALA B 285 -4.85 14.33 15.36
CA ALA B 285 -4.23 13.71 14.19
C ALA B 285 -2.76 13.36 14.50
N PRO B 286 -2.19 12.37 13.79
CA PRO B 286 -0.80 11.91 13.97
C PRO B 286 0.21 13.04 13.84
N HIS B 287 1.38 12.84 14.43
CA HIS B 287 2.43 13.87 14.41
C HIS B 287 2.73 14.60 13.09
N LYS B 288 2.67 13.88 11.97
CA LYS B 288 2.96 14.47 10.67
C LYS B 288 1.88 15.48 10.26
N ALA B 289 0.62 15.06 10.35
CA ALA B 289 -0.50 15.91 10.00
C ALA B 289 -0.57 17.12 10.91
N ALA B 290 -0.50 16.88 12.21
CA ALA B 290 -0.57 17.96 13.18
C ALA B 290 0.51 18.99 12.94
N ALA B 291 1.75 18.55 12.86
CA ALA B 291 2.85 19.47 12.65
C ALA B 291 2.64 20.34 11.39
N GLY B 292 1.75 19.88 10.52
CA GLY B 292 1.49 20.63 9.32
C GLY B 292 0.52 21.77 9.51
N MET B 293 -0.42 21.61 10.44
CA MET B 293 -1.39 22.66 10.68
C MET B 293 -0.85 23.83 11.50
N LEU B 294 0.37 23.70 12.01
CA LEU B 294 0.96 24.75 12.83
C LEU B 294 2.45 24.81 12.59
N SER B 295 2.85 24.71 11.34
CA SER B 295 4.26 24.71 10.96
C SER B 295 5.14 25.86 11.46
N GLU B 296 4.52 26.99 11.77
CA GLU B 296 5.26 28.16 12.21
C GLU B 296 5.77 28.09 13.65
N LEU B 297 5.01 27.47 14.54
CA LEU B 297 5.39 27.36 15.94
C LEU B 297 6.73 26.64 16.07
N PRO B 298 7.72 27.30 16.68
CA PRO B 298 9.03 26.66 16.84
C PRO B 298 9.03 25.26 17.44
N ALA B 299 8.31 25.06 18.54
CA ALA B 299 8.28 23.74 19.18
C ALA B 299 7.63 22.67 18.33
N ILE B 300 6.85 23.05 17.32
CA ILE B 300 6.21 22.05 16.50
C ILE B 300 7.23 21.22 15.74
N SER B 301 8.47 21.67 15.72
CA SER B 301 9.50 20.92 15.01
C SER B 301 9.68 19.53 15.66
N HIS B 302 9.49 19.45 16.98
CA HIS B 302 9.63 18.18 17.69
C HIS B 302 8.63 17.19 17.11
N LEU B 303 7.44 17.69 16.81
CA LEU B 303 6.38 16.86 16.27
C LEU B 303 6.66 16.39 14.84
N LYS B 304 7.22 17.25 14.00
CA LYS B 304 7.47 16.87 12.62
C LYS B 304 8.74 16.07 12.41
N ASN B 305 9.57 15.97 13.43
CA ASN B 305 10.82 15.22 13.33
C ASN B 305 10.65 13.84 13.91
N MET B 306 9.43 13.53 14.36
CA MET B 306 9.15 12.23 14.91
C MET B 306 9.15 11.18 13.80
N HIS B 307 9.33 9.92 14.20
CA HIS B 307 9.32 8.82 13.24
C HIS B 307 8.20 7.83 13.59
N SER B 308 7.58 7.26 12.57
CA SER B 308 6.57 6.24 12.76
C SER B 308 6.98 5.10 11.83
N THR B 309 7.55 4.05 12.42
CA THR B 309 8.01 2.91 11.64
C THR B 309 6.86 2.24 10.87
N SER B 310 7.20 1.63 9.73
CA SER B 310 6.22 0.97 8.87
C SER B 310 6.16 -0.48 9.24
N VAL B 311 4.97 -1.05 9.22
CA VAL B 311 4.86 -2.44 9.57
C VAL B 311 3.73 -3.10 8.75
N ALA B 312 3.79 -4.41 8.60
CA ALA B 312 2.77 -5.14 7.85
C ALA B 312 2.15 -6.23 8.70
N ASN B 313 0.85 -6.41 8.53
CA ASN B 313 0.08 -7.42 9.24
C ASN B 313 -0.53 -8.37 8.19
N VAL B 314 -0.30 -9.67 8.37
CA VAL B 314 -0.82 -10.68 7.44
C VAL B 314 -1.62 -11.79 8.10
N ALA B 315 -2.92 -11.82 7.85
CA ALA B 315 -3.77 -12.87 8.41
C ALA B 315 -3.81 -14.06 7.44
N LEU B 316 -3.94 -15.28 7.98
CA LEU B 316 -3.98 -16.47 7.15
C LEU B 316 -5.00 -17.48 7.66
N GLY B 317 -5.78 -18.03 6.74
CA GLY B 317 -6.79 -19.02 7.09
C GLY B 317 -6.50 -20.41 6.54
N PHE B 318 -6.49 -21.40 7.43
CA PHE B 318 -6.20 -22.78 7.04
C PHE B 318 -7.27 -23.75 7.50
N PRO B 319 -7.66 -24.69 6.60
CA PRO B 319 -8.68 -25.69 6.92
C PRO B 319 -8.13 -26.66 7.97
N GLU B 320 -6.88 -27.06 7.76
CA GLU B 320 -6.22 -27.98 8.67
C GLU B 320 -4.81 -28.31 8.16
N GLY B 321 -4.44 -27.76 7.01
CA GLY B 321 -3.12 -28.01 6.47
C GLY B 321 -2.08 -27.46 7.43
N SER B 322 -2.57 -26.94 8.54
CA SER B 322 -1.77 -26.34 9.60
C SER B 322 -0.75 -27.30 10.21
N VAL B 323 -1.22 -28.45 10.68
CA VAL B 323 -0.36 -29.46 11.30
C VAL B 323 0.63 -28.76 12.23
N GLN B 324 0.19 -28.56 13.48
CA GLN B 324 0.98 -27.90 14.51
C GLN B 324 2.48 -28.14 14.38
N MET B 325 3.25 -27.19 14.89
CA MET B 325 4.69 -27.27 14.87
C MET B 325 5.05 -28.21 16.03
N GLU B 326 6.34 -28.32 16.35
CA GLU B 326 6.75 -29.18 17.45
C GLU B 326 5.90 -28.86 18.68
N HIS B 327 6.13 -27.68 19.26
CA HIS B 327 5.40 -27.23 20.43
C HIS B 327 4.03 -26.70 20.05
N GLU B 328 3.29 -26.21 21.05
CA GLU B 328 1.96 -25.69 20.80
C GLU B 328 1.51 -24.66 21.82
N GLY B 329 1.57 -23.39 21.42
CA GLY B 329 1.17 -22.33 22.32
C GLY B 329 0.56 -21.17 21.56
N THR B 330 0.31 -20.06 22.26
CA THR B 330 -0.27 -18.89 21.65
C THR B 330 0.48 -18.38 20.43
N GLY B 331 1.79 -18.18 20.57
CA GLY B 331 2.56 -17.70 19.44
C GLY B 331 4.04 -17.58 19.75
N PHE B 332 4.76 -16.78 18.97
CA PHE B 332 6.18 -16.60 19.20
C PHE B 332 6.77 -15.40 18.45
N VAL B 333 7.94 -14.94 18.90
CA VAL B 333 8.62 -13.81 18.30
C VAL B 333 10.00 -14.26 17.85
N ILE B 334 10.56 -13.59 16.85
CA ILE B 334 11.87 -13.97 16.34
C ILE B 334 12.99 -13.05 16.81
N SER B 335 14.06 -13.67 17.32
CA SER B 335 15.21 -12.96 17.81
C SER B 335 15.93 -12.23 16.67
N ARG B 336 16.65 -11.17 17.02
CA ARG B 336 17.41 -10.38 16.04
C ARG B 336 18.21 -11.31 15.16
N ASN B 337 19.29 -11.84 15.72
CA ASN B 337 20.16 -12.78 15.02
C ASN B 337 19.32 -14.03 14.69
N SER B 338 18.68 -14.02 13.52
CA SER B 338 17.86 -15.14 13.11
C SER B 338 17.55 -15.10 11.61
N ASP B 339 17.96 -14.01 10.96
CA ASP B 339 17.76 -13.82 9.52
C ASP B 339 16.40 -14.31 9.02
N PHE B 340 15.35 -13.83 9.68
CA PHE B 340 13.96 -14.15 9.33
C PHE B 340 13.29 -12.89 8.78
N ALA B 341 12.24 -13.07 7.99
CA ALA B 341 11.52 -11.93 7.44
C ALA B 341 10.40 -11.53 8.41
N ILE B 342 9.63 -12.52 8.85
CA ILE B 342 8.55 -12.25 9.80
C ILE B 342 9.17 -11.86 11.13
N THR B 343 8.41 -11.09 11.90
CA THR B 343 8.85 -10.59 13.20
C THR B 343 8.25 -11.41 14.33
N ALA B 344 6.99 -11.79 14.16
CA ALA B 344 6.28 -12.59 15.15
C ALA B 344 5.18 -13.36 14.42
N CYS B 345 4.52 -14.23 15.16
CA CYS B 345 3.45 -15.05 14.61
C CYS B 345 2.59 -15.51 15.76
N THR B 346 1.30 -15.22 15.71
CA THR B 346 0.39 -15.61 16.76
C THR B 346 -0.75 -16.46 16.24
N TRP B 347 -1.19 -17.42 17.05
CA TRP B 347 -2.28 -18.32 16.69
C TRP B 347 -3.54 -17.62 17.18
N THR B 348 -4.16 -16.83 16.31
CA THR B 348 -5.37 -16.10 16.67
C THR B 348 -6.42 -16.97 17.36
N ASN B 349 -6.68 -18.15 16.79
CA ASN B 349 -7.67 -19.09 17.32
C ASN B 349 -7.50 -19.37 18.80
N LYS B 350 -6.29 -19.80 19.16
CA LYS B 350 -5.98 -20.11 20.54
C LYS B 350 -6.30 -18.95 21.49
N LYS B 351 -5.90 -17.74 21.11
CA LYS B 351 -6.15 -16.58 21.96
C LYS B 351 -7.60 -16.12 21.85
N TRP B 352 -8.05 -15.92 20.63
CA TRP B 352 -9.42 -15.47 20.39
C TRP B 352 -10.11 -16.45 19.46
N PRO B 353 -10.70 -17.51 20.03
CA PRO B 353 -11.40 -18.52 19.23
C PRO B 353 -12.54 -17.93 18.40
N HIS B 354 -13.23 -16.94 18.99
CA HIS B 354 -14.35 -16.29 18.32
C HIS B 354 -13.95 -15.62 17.00
N ALA B 355 -12.65 -15.63 16.72
CA ALA B 355 -12.14 -15.01 15.50
C ALA B 355 -12.37 -15.90 14.28
N ALA B 356 -11.91 -17.14 14.38
CA ALA B 356 -12.03 -18.07 13.27
C ALA B 356 -13.13 -19.10 13.48
N PRO B 357 -13.77 -19.54 12.38
CA PRO B 357 -14.84 -20.55 12.42
C PRO B 357 -14.22 -21.92 12.76
N GLU B 358 -14.85 -22.62 13.70
CA GLU B 358 -14.39 -23.93 14.15
C GLU B 358 -13.94 -24.82 13.00
N GLY B 359 -12.83 -25.52 13.18
CA GLY B 359 -12.31 -26.39 12.14
C GLY B 359 -11.31 -25.65 11.30
N LYS B 360 -11.27 -24.32 11.49
CA LYS B 360 -10.35 -23.44 10.77
C LYS B 360 -9.28 -22.89 11.71
N THR B 361 -8.08 -22.75 11.19
CA THR B 361 -6.95 -22.22 11.95
C THR B 361 -6.56 -20.86 11.36
N LEU B 362 -6.66 -19.82 12.18
CA LEU B 362 -6.32 -18.46 11.78
C LEU B 362 -5.01 -17.97 12.38
N LEU B 363 -4.01 -17.79 11.51
CA LEU B 363 -2.72 -17.31 11.97
C LEU B 363 -2.54 -15.81 11.68
N ARG B 364 -1.58 -15.20 12.36
CA ARG B 364 -1.27 -13.78 12.21
C ARG B 364 0.23 -13.62 12.26
N ALA B 365 0.81 -13.02 11.22
CA ALA B 365 2.24 -12.82 11.17
C ALA B 365 2.55 -11.35 10.95
N TYR B 366 3.54 -10.85 11.66
CA TYR B 366 3.95 -9.46 11.54
C TYR B 366 5.25 -9.36 10.77
N VAL B 367 5.38 -8.29 9.99
CA VAL B 367 6.58 -8.10 9.20
C VAL B 367 7.00 -6.64 9.20
N GLY B 368 8.29 -6.41 8.96
CA GLY B 368 8.80 -5.05 8.94
C GLY B 368 9.29 -4.65 10.31
N LYS B 369 10.47 -4.05 10.36
CA LYS B 369 11.05 -3.62 11.63
C LYS B 369 11.83 -2.33 11.45
N ALA B 370 12.06 -1.60 12.54
CA ALA B 370 12.82 -0.37 12.48
C ALA B 370 14.10 -0.64 11.71
N GLY B 371 14.39 0.23 10.74
CA GLY B 371 15.58 0.05 9.91
C GLY B 371 15.18 -0.54 8.57
N ASP B 372 15.12 -1.87 8.49
CA ASP B 372 14.73 -2.55 7.26
C ASP B 372 13.21 -2.77 7.23
N GLU B 373 12.48 -1.81 6.65
CA GLU B 373 11.04 -1.88 6.57
C GLU B 373 10.52 -1.81 5.13
N SER B 374 11.41 -2.09 4.18
CA SER B 374 11.07 -2.05 2.76
C SER B 374 10.12 -3.18 2.37
N ILE B 375 10.06 -4.22 3.19
CA ILE B 375 9.21 -5.38 2.95
C ILE B 375 7.73 -4.97 2.78
N VAL B 376 7.36 -3.83 3.36
CA VAL B 376 5.98 -3.35 3.31
C VAL B 376 5.51 -2.88 1.92
N ASP B 377 6.44 -2.73 0.99
CA ASP B 377 6.10 -2.29 -0.37
C ASP B 377 5.74 -3.44 -1.32
N LEU B 378 6.48 -4.54 -1.22
CA LEU B 378 6.23 -5.69 -2.06
C LEU B 378 4.72 -5.97 -2.15
N SER B 379 4.29 -6.62 -3.22
CA SER B 379 2.88 -6.93 -3.42
C SER B 379 2.39 -8.04 -2.49
N ASP B 380 1.07 -8.12 -2.31
CA ASP B 380 0.47 -9.15 -1.46
C ASP B 380 1.16 -10.49 -1.74
N ASN B 381 1.39 -10.74 -3.03
CA ASN B 381 2.05 -11.97 -3.45
C ASN B 381 3.38 -12.10 -2.71
N ASP B 382 4.29 -11.17 -2.97
CA ASP B 382 5.60 -11.21 -2.32
C ASP B 382 5.49 -11.37 -0.81
N ILE B 383 4.57 -10.64 -0.19
CA ILE B 383 4.40 -10.73 1.25
C ILE B 383 3.90 -12.10 1.65
N ILE B 384 2.70 -12.45 1.21
CA ILE B 384 2.11 -13.75 1.56
C ILE B 384 3.05 -14.91 1.21
N ASN B 385 3.99 -14.68 0.30
CA ASN B 385 4.96 -15.70 -0.09
C ASN B 385 6.06 -15.72 0.94
N ILE B 386 6.60 -14.55 1.24
CA ILE B 386 7.67 -14.44 2.23
C ILE B 386 7.21 -14.95 3.59
N VAL B 387 5.96 -14.70 3.95
CA VAL B 387 5.44 -15.16 5.24
C VAL B 387 5.48 -16.69 5.32
N LEU B 388 4.88 -17.35 4.34
CA LEU B 388 4.85 -18.80 4.31
C LEU B 388 6.25 -19.40 4.15
N GLU B 389 7.09 -18.73 3.37
CA GLU B 389 8.46 -19.18 3.15
C GLU B 389 9.16 -19.35 4.50
N ASP B 390 8.94 -18.38 5.39
CA ASP B 390 9.52 -18.39 6.72
C ASP B 390 8.66 -19.21 7.67
N LEU B 391 7.35 -19.04 7.57
CA LEU B 391 6.43 -19.75 8.45
C LEU B 391 6.64 -21.26 8.37
N LYS B 392 6.86 -21.77 7.17
CA LYS B 392 7.07 -23.20 6.95
C LYS B 392 8.33 -23.73 7.61
N LYS B 393 9.29 -22.86 7.89
CA LYS B 393 10.54 -23.29 8.51
C LYS B 393 10.40 -23.74 9.98
N VAL B 394 9.20 -23.61 10.55
CA VAL B 394 9.02 -24.02 11.93
C VAL B 394 7.67 -24.68 12.15
N MET B 395 7.13 -25.25 11.09
CA MET B 395 5.84 -25.95 11.12
C MET B 395 5.54 -26.42 9.71
N ASN B 396 4.69 -27.42 9.58
CA ASN B 396 4.35 -27.93 8.27
C ASN B 396 3.04 -27.36 7.78
N ILE B 397 3.09 -26.77 6.59
CA ILE B 397 1.91 -26.17 6.00
C ILE B 397 1.44 -26.97 4.79
N ASN B 398 0.74 -28.05 5.06
CA ASN B 398 0.22 -28.90 4.00
C ASN B 398 -0.93 -28.14 3.33
N GLY B 399 -0.74 -27.76 2.08
CA GLY B 399 -1.78 -27.06 1.37
C GLY B 399 -1.51 -25.57 1.23
N GLU B 400 -2.56 -24.81 0.93
CA GLU B 400 -2.47 -23.37 0.77
C GLU B 400 -3.50 -22.65 1.63
N PRO B 401 -3.25 -21.37 1.94
CA PRO B 401 -4.19 -20.59 2.76
C PRO B 401 -5.54 -20.45 2.06
N GLU B 402 -6.61 -20.83 2.75
CA GLU B 402 -7.93 -20.69 2.15
C GLU B 402 -8.25 -19.20 2.08
N MET B 403 -8.00 -18.50 3.19
CA MET B 403 -8.25 -17.05 3.30
C MET B 403 -6.97 -16.27 3.52
N THR B 404 -6.81 -15.16 2.82
CA THR B 404 -5.61 -14.32 2.96
C THR B 404 -5.89 -12.81 2.97
N CYS B 405 -5.45 -12.15 4.05
CA CYS B 405 -5.64 -10.70 4.19
C CYS B 405 -4.40 -9.97 4.65
N VAL B 406 -3.78 -9.28 3.71
CA VAL B 406 -2.59 -8.48 4.00
C VAL B 406 -3.13 -7.10 4.34
N THR B 407 -2.29 -6.28 4.97
CA THR B 407 -2.67 -4.92 5.34
C THR B 407 -1.42 -4.15 5.77
N ARG B 408 -1.13 -3.05 5.07
CA ARG B 408 0.05 -2.24 5.37
C ARG B 408 -0.24 -1.04 6.28
N TRP B 409 0.80 -0.65 7.03
CA TRP B 409 0.75 0.49 7.94
C TRP B 409 2.06 1.23 7.75
N HIS B 410 2.06 2.16 6.80
CA HIS B 410 3.29 2.86 6.49
C HIS B 410 3.99 3.64 7.59
N GLU B 411 3.33 4.58 8.22
CA GLU B 411 4.06 5.27 9.28
C GLU B 411 3.05 5.41 10.34
N SER B 412 2.72 4.26 10.91
CA SER B 412 1.69 4.14 11.91
C SER B 412 2.17 3.75 13.30
N MET B 413 3.46 3.53 13.45
CA MET B 413 4.00 3.16 14.75
C MET B 413 4.83 4.33 15.28
N PRO B 414 4.21 5.24 16.04
CA PRO B 414 4.89 6.40 16.60
C PRO B 414 6.10 5.97 17.46
N GLN B 415 7.24 6.59 17.25
CA GLN B 415 8.43 6.22 18.00
C GLN B 415 8.82 7.28 19.03
N TYR B 416 8.79 6.93 20.31
CA TYR B 416 9.18 7.87 21.37
C TYR B 416 10.65 7.65 21.67
N HIS B 417 11.51 8.56 21.23
CA HIS B 417 12.92 8.38 21.52
C HIS B 417 13.33 9.12 22.78
N VAL B 418 14.55 8.90 23.23
CA VAL B 418 15.08 9.57 24.42
C VAL B 418 14.84 11.09 24.34
N GLY B 419 14.26 11.64 25.40
CA GLY B 419 13.96 13.06 25.42
C GLY B 419 12.53 13.33 24.99
N HIS B 420 11.82 12.30 24.57
CA HIS B 420 10.46 12.51 24.12
C HIS B 420 9.57 13.32 25.08
N LYS B 421 9.62 13.03 26.37
CA LYS B 421 8.78 13.76 27.33
C LYS B 421 9.12 15.24 27.43
N GLN B 422 10.41 15.58 27.42
CA GLN B 422 10.80 16.97 27.50
C GLN B 422 10.27 17.72 26.29
N ARG B 423 10.52 17.19 25.10
CA ARG B 423 10.08 17.84 23.88
C ARG B 423 8.56 18.03 23.85
N ILE B 424 7.82 17.02 24.30
CA ILE B 424 6.36 17.13 24.32
C ILE B 424 5.92 18.22 25.32
N LYS B 425 6.66 18.35 26.42
CA LYS B 425 6.37 19.35 27.45
C LYS B 425 6.53 20.73 26.85
N GLU B 426 7.66 20.95 26.17
CA GLU B 426 7.91 22.23 25.54
C GLU B 426 6.79 22.55 24.59
N LEU B 427 6.38 21.57 23.82
CA LEU B 427 5.30 21.82 22.88
C LEU B 427 4.02 22.20 23.60
N ARG B 428 3.68 21.48 24.66
CA ARG B 428 2.45 21.78 25.40
C ARG B 428 2.55 23.20 25.93
N GLU B 429 3.68 23.52 26.54
CA GLU B 429 3.92 24.85 27.08
C GLU B 429 3.87 25.92 26.00
N ALA B 430 4.60 25.71 24.89
CA ALA B 430 4.59 26.66 23.80
C ALA B 430 3.14 26.92 23.34
N LEU B 431 2.35 25.86 23.21
CA LEU B 431 0.97 25.99 22.79
C LEU B 431 0.13 26.70 23.83
N ALA B 432 0.50 26.53 25.11
CA ALA B 432 -0.24 27.14 26.20
C ALA B 432 -0.10 28.65 26.14
N SER B 433 1.10 29.12 25.82
CA SER B 433 1.34 30.56 25.82
C SER B 433 1.11 31.24 24.50
N ALA B 434 1.18 30.52 23.40
CA ALA B 434 0.95 31.15 22.09
C ALA B 434 -0.36 30.69 21.41
N TYR B 435 -0.99 29.65 21.94
CA TYR B 435 -2.24 29.16 21.35
C TYR B 435 -3.17 28.65 22.43
N PRO B 436 -3.51 29.51 23.40
CA PRO B 436 -4.39 29.08 24.47
C PRO B 436 -5.69 28.51 23.93
N GLY B 437 -6.08 27.37 24.50
CA GLY B 437 -7.33 26.72 24.08
C GLY B 437 -7.12 25.62 23.06
N VAL B 438 -5.91 25.56 22.51
CA VAL B 438 -5.54 24.56 21.53
C VAL B 438 -4.82 23.44 22.25
N TYR B 439 -5.18 22.20 21.95
CA TYR B 439 -4.56 21.06 22.60
C TYR B 439 -4.28 19.93 21.60
N MET B 440 -3.10 19.35 21.75
CA MET B 440 -2.66 18.28 20.89
C MET B 440 -2.35 17.03 21.70
N THR B 441 -3.08 15.95 21.44
CA THR B 441 -2.83 14.68 22.13
C THR B 441 -3.06 13.53 21.18
N GLY B 442 -2.86 12.32 21.68
CA GLY B 442 -3.04 11.14 20.86
C GLY B 442 -1.82 10.25 20.92
N ALA B 443 -1.80 9.22 20.07
CA ALA B 443 -0.70 8.29 20.07
C ALA B 443 0.67 8.91 19.86
N SER B 444 0.73 10.15 19.37
CA SER B 444 2.04 10.77 19.14
C SER B 444 2.60 11.46 20.36
N PHE B 445 1.78 11.57 21.40
CA PHE B 445 2.20 12.25 22.62
C PHE B 445 2.54 11.35 23.81
N GLU B 446 1.54 10.95 24.60
CA GLU B 446 1.84 10.12 25.77
C GLU B 446 1.14 8.79 25.86
N GLY B 447 1.54 7.85 25.01
CA GLY B 447 0.93 6.54 25.03
C GLY B 447 0.29 6.19 23.73
N VAL B 448 0.72 5.07 23.16
CA VAL B 448 0.18 4.62 21.89
C VAL B 448 -0.95 3.63 22.16
N GLY B 449 -1.00 3.04 23.34
CA GLY B 449 -2.07 2.09 23.61
C GLY B 449 -3.48 2.69 23.60
N ILE B 450 -4.46 1.91 23.14
CA ILE B 450 -5.85 2.38 23.08
C ILE B 450 -6.27 2.99 24.41
N PRO B 451 -6.02 2.30 25.54
CA PRO B 451 -6.43 2.92 26.80
C PRO B 451 -5.83 4.33 26.92
N ASP B 452 -4.50 4.41 26.83
CA ASP B 452 -3.78 5.68 26.93
C ASP B 452 -4.37 6.75 26.02
N CYS B 453 -4.81 6.36 24.83
CA CYS B 453 -5.37 7.34 23.91
C CYS B 453 -6.70 7.84 24.40
N ILE B 454 -7.48 6.94 25.01
CA ILE B 454 -8.79 7.30 25.51
C ILE B 454 -8.70 8.42 26.53
N ASP B 455 -7.86 8.25 27.55
CA ASP B 455 -7.76 9.32 28.54
C ASP B 455 -7.08 10.57 27.98
N GLN B 456 -6.09 10.38 27.11
CA GLN B 456 -5.44 11.55 26.52
C GLN B 456 -6.54 12.43 25.93
N GLY B 457 -7.56 11.77 25.39
CA GLY B 457 -8.68 12.49 24.81
C GLY B 457 -9.61 12.98 25.91
N LYS B 458 -9.64 12.25 27.02
CA LYS B 458 -10.47 12.64 28.15
C LYS B 458 -9.82 13.87 28.77
N ALA B 459 -8.51 13.83 28.95
CA ALA B 459 -7.79 14.96 29.53
C ALA B 459 -7.96 16.17 28.64
N ALA B 460 -8.01 15.94 27.34
CA ALA B 460 -8.18 17.05 26.42
C ALA B 460 -9.52 17.72 26.71
N VAL B 461 -10.58 16.91 26.86
CA VAL B 461 -11.90 17.45 27.14
C VAL B 461 -11.85 18.30 28.40
N SER B 462 -11.19 17.76 29.42
CA SER B 462 -11.04 18.45 30.69
C SER B 462 -10.39 19.83 30.49
N ASP B 463 -9.21 19.87 29.89
CA ASP B 463 -8.49 21.12 29.63
C ASP B 463 -9.30 22.13 28.82
N ALA B 464 -9.89 21.69 27.72
CA ALA B 464 -10.68 22.56 26.88
C ALA B 464 -11.80 23.24 27.67
N LEU B 465 -12.48 22.49 28.54
CA LEU B 465 -13.57 23.05 29.34
C LEU B 465 -13.01 24.06 30.32
N THR B 466 -12.04 23.65 31.13
CA THR B 466 -11.43 24.56 32.08
C THR B 466 -11.12 25.89 31.40
N TYR B 467 -10.49 25.83 30.23
CA TYR B 467 -10.16 27.04 29.50
C TYR B 467 -11.40 27.81 29.06
N LEU B 468 -12.43 27.10 28.62
CA LEU B 468 -13.66 27.75 28.15
C LEU B 468 -14.58 28.32 29.22
N PHE B 469 -14.78 27.56 30.29
CA PHE B 469 -15.69 28.00 31.35
C PHE B 469 -15.00 28.20 32.68
N SER B 470 -14.65 27.09 33.35
CA SER B 470 -13.98 27.12 34.65
C SER B 470 -13.09 28.34 34.86
PA FAD C . -2.77 -0.05 -12.75
O1A FAD C . -2.65 -1.51 -12.61
O2A FAD C . -1.56 0.78 -12.90
O5B FAD C . -3.59 0.56 -11.54
C5B FAD C . -4.84 -0.01 -11.06
C4B FAD C . -4.97 0.43 -9.59
O4B FAD C . -6.07 -0.24 -9.02
C3B FAD C . -3.78 0.08 -8.71
O3B FAD C . -3.11 1.23 -8.26
C2B FAD C . -4.38 -0.75 -7.61
O2B FAD C . -3.76 -0.68 -6.36
C1B FAD C . -5.83 -0.28 -7.64
N9A FAD C . -6.83 -1.20 -7.03
C8A FAD C . -6.94 -2.56 -7.24
N7A FAD C . -7.94 -3.10 -6.55
C5A FAD C . -8.50 -2.05 -5.88
C6A FAD C . -9.60 -1.97 -4.99
N6A FAD C . -10.35 -3.00 -4.63
N1A FAD C . -9.91 -0.74 -4.47
C2A FAD C . -9.16 0.36 -4.82
N3A FAD C . -8.11 0.36 -5.67
C4A FAD C . -7.82 -0.87 -6.17
N1 FAD C . 3.79 0.36 -20.54
C2 FAD C . 4.44 1.15 -21.47
O2 FAD C . 3.80 1.85 -22.26
N3 FAD C . 5.85 1.14 -21.49
C4 FAD C . 6.63 0.39 -20.63
O4 FAD C . 7.87 0.44 -20.71
C4X FAD C . 5.96 -0.43 -19.67
N5 FAD C . 6.68 -1.21 -18.76
C5X FAD C . 6.02 -1.97 -17.79
C6 FAD C . 6.74 -2.72 -16.85
C7 FAD C . 6.11 -3.48 -15.85
C7M FAD C . 6.94 -4.26 -14.87
C8 FAD C . 4.67 -3.46 -15.78
C8M FAD C . 3.94 -4.24 -14.71
C9 FAD C . 3.92 -2.72 -16.72
C9A FAD C . 4.56 -1.96 -17.73
N10 FAD C . 3.84 -1.18 -18.71
C10 FAD C . 4.53 -0.41 -19.65
C1' FAD C . 2.34 -1.12 -18.72
C2' FAD C . 1.74 0.06 -18.00
O2' FAD C . 2.46 0.27 -16.82
C3' FAD C . 0.26 -0.28 -17.71
O3' FAD C . -0.48 -0.49 -18.91
C4' FAD C . -0.53 0.83 -16.97
O4' FAD C . 0.17 1.32 -15.85
C5' FAD C . -1.88 0.29 -16.52
O5' FAD C . -2.48 1.36 -15.82
P FAD C . -3.85 1.24 -15.09
O1P FAD C . -4.07 2.57 -14.50
O2P FAD C . -4.93 0.76 -16.03
O3P FAD C . -3.71 0.12 -14.02
O3 ACJ D . 3.96 -4.99 -22.32
C11 ACJ D . 4.01 -3.79 -22.13
O2 ACJ D . 3.22 -3.21 -21.22
C9 ACJ D . 4.36 -2.07 -23.90
C14 ACJ D . 6.38 -2.97 -22.73
C8 ACJ D . 5.18 -1.23 -24.68
N1 ACJ D . 7.09 -3.89 -21.71
C13 ACJ D . 7.19 -2.11 -23.52
O5 ACJ D . 8.30 -3.87 -21.61
C12 ACJ D . 6.60 -1.26 -24.46
O1 ACJ D . 4.55 -0.41 -25.64
C7 ACJ D . 4.91 -0.66 -27.01
O4 ACJ D . 6.47 -4.66 -21.00
C6 ACJ D . 5.86 -1.68 -27.42
C10 ACJ D . 4.94 -2.94 -22.92
C4 ACJ D . 4.31 0.13 -28.03
C5 ACJ D . 6.18 -1.89 -28.77
C2 ACJ D . 5.59 -1.11 -29.78
CL1 ACJ D . 3.17 1.37 -27.60
C3 ACJ D . 4.64 -0.09 -29.41
C1 ACJ D . 5.98 -1.37 -31.26
F1 ACJ D . 7.16 -0.65 -31.58
F2 ACJ D . 6.23 -2.76 -31.47
F3 ACJ D . 4.93 -0.98 -32.13
P PO4 E . -4.90 -15.92 -42.43
O1 PO4 E . -4.08 -16.28 -41.14
O2 PO4 E . -4.14 -16.47 -43.72
O3 PO4 E . -6.35 -16.57 -42.36
O4 PO4 E . -5.05 -14.35 -42.56
PA FAD F . -5.42 7.66 14.98
O1A FAD F . -4.14 7.66 14.24
O2A FAD F . -6.17 6.42 15.13
O5B FAD F . -6.42 8.73 14.33
C5B FAD F . -6.03 10.07 14.01
C4B FAD F . -7.02 10.53 12.91
O4B FAD F . -6.59 11.77 12.40
C3B FAD F . -7.10 9.61 11.70
O3B FAD F . -8.36 9.01 11.59
C2B FAD F . -6.75 10.51 10.55
O2B FAD F . -7.33 10.20 9.31
C1B FAD F . -7.11 11.89 11.10
N9A FAD F . -6.46 13.05 10.45
C8A FAD F . -5.13 13.18 10.12
N7A FAD F . -4.86 14.35 9.55
C5A FAD F . -6.07 15.00 9.50
C6A FAD F . -6.44 16.27 9.02
N6A FAD F . -5.61 17.13 8.48
N1A FAD F . -7.76 16.62 9.12
C2A FAD F . -8.66 15.74 9.68
N3A FAD F . -8.37 14.53 10.17
C4A FAD F . -7.07 14.20 10.06
N1 FAD F . -2.99 -0.59 20.42
C2 FAD F . -3.37 -1.50 21.40
O2 FAD F . -3.67 -1.12 22.53
N3 FAD F . -3.41 -2.86 21.07
C4 FAD F . -3.10 -3.36 19.82
O4 FAD F . -3.17 -4.60 19.60
C4X FAD F . -2.71 -2.45 18.82
N5 FAD F . -2.39 -2.88 17.52
C5X FAD F . -2.04 -1.95 16.52
C6 FAD F . -1.75 -2.38 15.22
C7 FAD F . -1.44 -1.49 14.20
C7M FAD F . -1.14 -2.01 12.81
C8 FAD F . -1.41 -0.09 14.49
C8M FAD F . -1.08 0.94 13.42
C9 FAD F . -1.69 0.38 15.80
C9A FAD F . -2.01 -0.54 16.84
N10 FAD F . -2.32 -0.11 18.19
C10 FAD F . -2.67 -1.05 19.16
C1' FAD F . -2.29 1.33 18.59
C2' FAD F . -3.63 2.02 18.56
O2' FAD F . -4.33 1.59 17.42
C3' FAD F . -3.39 3.54 18.54
O3' FAD F . -2.67 3.98 19.70
C4' FAD F . -4.65 4.42 18.51
O4' FAD F . -5.58 3.98 17.53
C5' FAD F . -4.28 5.86 18.22
O5' FAD F . -5.50 6.55 18.17
P FAD F . -5.62 8.07 17.82
O1P FAD F . -7.07 8.34 17.87
O2P FAD F . -4.78 8.91 18.73
O3P FAD F . -5.04 8.25 16.39
O3 ACJ G . 2.86 -1.50 19.11
C11 ACJ G . 1.83 -1.22 19.68
O2 ACJ G . 1.29 0.01 19.52
C9 ACJ G . 0.76 -1.79 21.87
C14 ACJ G . 0.83 -3.62 20.15
C8 ACJ G . 0.11 -2.65 22.77
N1 ACJ G . 1.19 -4.22 18.79
C13 ACJ G . 0.17 -4.46 21.08
O5 ACJ G . 0.90 -5.39 18.56
C12 ACJ G . -0.19 -4.00 22.36
O1 ACJ G . -0.21 -2.19 24.06
C7 ACJ G . 0.57 -2.78 25.11
O4 ACJ G . 1.77 -3.58 17.92
C6 ACJ G . 1.61 -3.76 24.87
C10 ACJ G . 1.14 -2.22 20.56
C4 ACJ G . 0.35 -2.40 26.47
C5 ACJ G . 2.36 -4.34 25.89
C2 ACJ G . 2.14 -3.98 27.22
CL1 ACJ G . -0.88 -1.22 26.83
C3 ACJ G . 1.12 -3.00 27.52
C1 ACJ G . 3.00 -4.65 28.31
F1 ACJ G . 4.33 -4.79 27.85
F2 ACJ G . 3.02 -3.87 29.48
F3 ACJ G . 2.49 -5.94 28.60
P PO4 H . 20.28 3.61 35.66
O1 PO4 H . 21.79 3.56 36.17
O2 PO4 H . 19.93 5.08 35.19
O3 PO4 H . 20.10 2.61 34.46
O4 PO4 H . 19.30 3.22 36.84
#